data_7YOS
#
_entry.id   7YOS
#
_cell.length_a   83.910
_cell.length_b   175.820
_cell.length_c   66.190
_cell.angle_alpha   90.000
_cell.angle_beta   90.000
_cell.angle_gamma   90.000
#
_symmetry.space_group_name_H-M   'P 21 21 2'
#
loop_
_entity.id
_entity.type
_entity.pdbx_description
1 polymer 'nuclease RecJ2'
2 non-polymer 'MANGANESE (II) ION'
3 water water
#
_entity_poly.entity_id   1
_entity_poly.type   'polypeptide(L)'
_entity_poly.pdbx_seq_one_letter_code
;MMEKLKEIEKVTKAIKEKILNHYGYIRVITHHDTDGLSSGGILAKMLMRTNKLFHLTVVEHLSKEVIEKLAKENEVNKPL
FIFADMGSGQIEEIIKHNFNAIILDHHPPVIKDSFINENIIQLNPHIFGVDGSREITASGVCYLVAREFGYYDLSVLAIV
GIIGDMQYNPLLGLNKFIVNEAREYRYVKIMNDIVYNIYDVEIYKAIAYCTKPYIPDLASEGKAFKFLKDIGIDPNKKQL
DDTDKKKLLSAIIFKYPKIENLLIDRYLIEHKVRDAFLLSEMLNAVGRNGLFAVGIGICLEDDECIKIGNQILWEYKKNL
INELKSVKLKKLNNIYYFEGKKGMIGIIASILVDDKPVIGYHIEGDIAKFSARGNRDLVNRGLNLSVAMAVAKEFGGNGG
GHDVASGAVVSKDKVQEFLKRVDEIIGEQLRR
;
_entity_poly.pdbx_strand_id   A,B
#
loop_
_chem_comp.id
_chem_comp.type
_chem_comp.name
_chem_comp.formula
MN non-polymer 'MANGANESE (II) ION' 'Mn 2'
#
# COMPACT_ATOMS: atom_id res chain seq x y z
N MET A 1 -1.36 -23.64 27.49
CA MET A 1 -0.87 -22.43 26.80
C MET A 1 -2.04 -21.66 26.17
N MET A 2 -3.10 -22.38 25.81
CA MET A 2 -4.31 -21.74 25.29
C MET A 2 -4.94 -20.78 26.29
N GLU A 3 -4.62 -20.93 27.57
CA GLU A 3 -5.15 -20.04 28.61
C GLU A 3 -4.47 -18.67 28.57
N LYS A 4 -3.20 -18.63 28.20
CA LYS A 4 -2.49 -17.35 28.16
C LYS A 4 -2.99 -16.47 27.00
N LEU A 5 -3.46 -17.10 25.92
CA LEU A 5 -4.05 -16.36 24.82
C LEU A 5 -5.34 -15.67 25.25
N LYS A 6 -6.14 -16.36 26.06
CA LYS A 6 -7.38 -15.77 26.56
C LYS A 6 -7.11 -14.47 27.31
N GLU A 7 -5.98 -14.40 28.02
CA GLU A 7 -5.64 -13.15 28.73
C GLU A 7 -5.12 -12.08 27.77
N ILE A 8 -4.38 -12.49 26.73
CA ILE A 8 -3.91 -11.54 25.73
C ILE A 8 -5.07 -10.99 24.93
N GLU A 9 -6.03 -11.86 24.58
CA GLU A 9 -7.14 -11.46 23.72
C GLU A 9 -7.99 -10.35 24.31
N LYS A 10 -7.95 -10.14 25.64
CA LYS A 10 -8.66 -8.99 26.18
C LYS A 10 -7.96 -7.70 25.80
N VAL A 11 -6.63 -7.72 25.67
CA VAL A 11 -5.91 -6.52 25.24
C VAL A 11 -5.97 -6.34 23.72
N THR A 12 -6.01 -7.45 22.95
CA THR A 12 -6.11 -7.32 21.50
C THR A 12 -7.52 -6.89 21.06
N LYS A 13 -8.56 -7.30 21.79
CA LYS A 13 -9.90 -6.80 21.49
C LYS A 13 -10.03 -5.31 21.82
N ALA A 14 -9.41 -4.86 22.90
CA ALA A 14 -9.44 -3.44 23.22
C ALA A 14 -8.65 -2.60 22.22
N ILE A 15 -7.56 -3.15 21.69
CA ILE A 15 -6.79 -2.46 20.65
C ILE A 15 -7.62 -2.37 19.38
N LYS A 16 -8.25 -3.49 19.00
CA LYS A 16 -9.12 -3.50 17.83
C LYS A 16 -10.13 -2.37 17.90
N GLU A 17 -10.82 -2.25 19.04
CA GLU A 17 -11.87 -1.24 19.15
C GLU A 17 -11.28 0.15 19.16
N LYS A 18 -10.10 0.34 19.76
CA LYS A 18 -9.48 1.65 19.75
C LYS A 18 -9.11 2.10 18.32
N ILE A 19 -8.62 1.17 17.49
CA ILE A 19 -8.34 1.53 16.11
C ILE A 19 -9.64 1.77 15.33
N LEU A 20 -10.64 0.91 15.51
CA LEU A 20 -11.88 1.05 14.74
C LEU A 20 -12.55 2.41 14.98
N ASN A 21 -12.53 2.89 16.22
CA ASN A 21 -13.26 4.10 16.57
C ASN A 21 -12.45 5.38 16.36
N HIS A 22 -11.28 5.30 15.75
CA HIS A 22 -10.44 6.46 15.52
C HIS A 22 -10.57 6.95 14.08
N TYR A 23 -10.90 8.24 13.90
CA TYR A 23 -11.11 8.77 12.55
C TYR A 23 -10.21 9.95 12.22
N GLY A 24 -9.23 10.28 13.06
CA GLY A 24 -8.20 11.23 12.71
C GLY A 24 -7.00 10.53 12.11
N TYR A 25 -5.89 11.26 12.03
CA TYR A 25 -4.63 10.71 11.49
C TYR A 25 -4.11 9.56 12.34
N ILE A 26 -3.36 8.64 11.69
CA ILE A 26 -2.74 7.50 12.35
C ILE A 26 -1.25 7.48 12.00
N ARG A 27 -0.41 7.43 13.01
CA ARG A 27 1.04 7.38 12.83
C ARG A 27 1.52 6.02 13.28
N VAL A 28 2.19 5.30 12.38
CA VAL A 28 2.84 4.02 12.69
C VAL A 28 4.34 4.24 12.71
N ILE A 29 4.98 3.82 13.80
CA ILE A 29 6.43 3.93 14.01
C ILE A 29 6.97 2.53 14.23
N THR A 30 7.90 2.09 13.36
CA THR A 30 8.58 0.81 13.52
C THR A 30 10.09 0.98 13.39
N HIS A 31 10.78 -0.14 13.62
CA HIS A 31 12.23 -0.24 13.49
C HIS A 31 12.59 -0.79 12.11
N HIS A 32 13.88 -0.72 11.80
CA HIS A 32 14.37 -1.04 10.47
C HIS A 32 14.91 -2.46 10.33
N ASP A 33 14.87 -3.27 11.40
CA ASP A 33 15.32 -4.65 11.22
C ASP A 33 14.17 -5.49 10.65
N THR A 34 14.45 -6.78 10.43
CA THR A 34 13.47 -7.68 9.82
C THR A 34 12.16 -7.68 10.60
N ASP A 35 12.25 -7.71 11.94
CA ASP A 35 11.07 -7.79 12.79
C ASP A 35 10.25 -6.51 12.75
N GLY A 36 10.93 -5.36 12.66
CA GLY A 36 10.22 -4.08 12.58
C GLY A 36 9.58 -3.86 11.22
N LEU A 37 10.28 -4.22 10.15
CA LEU A 37 9.72 -4.04 8.81
C LEU A 37 8.57 -5.00 8.58
N SER A 38 8.68 -6.25 9.06
CA SER A 38 7.57 -7.20 8.99
C SER A 38 6.37 -6.69 9.78
N SER A 39 6.61 -6.09 10.94
CA SER A 39 5.51 -5.51 11.70
C SER A 39 4.88 -4.35 10.93
N GLY A 40 5.70 -3.52 10.29
CA GLY A 40 5.17 -2.46 9.45
C GLY A 40 4.26 -2.98 8.35
N GLY A 41 4.66 -4.08 7.70
CA GLY A 41 3.85 -4.66 6.66
C GLY A 41 2.54 -5.25 7.18
N ILE A 42 2.58 -5.90 8.34
CA ILE A 42 1.35 -6.39 8.97
C ILE A 42 0.42 -5.24 9.29
N LEU A 43 0.94 -4.21 9.95
CA LEU A 43 0.06 -3.13 10.34
C LEU A 43 -0.46 -2.35 9.13
N ALA A 44 0.35 -2.25 8.06
CA ALA A 44 -0.09 -1.53 6.86
C ALA A 44 -1.28 -2.23 6.22
N LYS A 45 -1.20 -3.55 6.06
CA LYS A 45 -2.30 -4.29 5.47
C LYS A 45 -3.51 -4.29 6.39
N MET A 46 -3.29 -4.44 7.70
CA MET A 46 -4.40 -4.43 8.66
C MET A 46 -5.14 -3.10 8.64
N LEU A 47 -4.40 -1.99 8.63
CA LEU A 47 -5.02 -0.68 8.68
C LEU A 47 -5.79 -0.37 7.40
N MET A 48 -5.19 -0.69 6.23
CA MET A 48 -5.87 -0.49 4.95
C MET A 48 -7.17 -1.28 4.89
N ARG A 49 -7.14 -2.52 5.36
CA ARG A 49 -8.33 -3.37 5.30
C ARG A 49 -9.44 -2.85 6.20
N THR A 50 -9.10 -2.11 7.27
CA THR A 50 -10.10 -1.53 8.14
C THR A 50 -10.41 -0.09 7.77
N ASN A 51 -10.06 0.32 6.55
CA ASN A 51 -10.36 1.63 5.99
C ASN A 51 -9.64 2.77 6.70
N LYS A 52 -8.43 2.51 7.21
CA LYS A 52 -7.64 3.54 7.87
C LYS A 52 -6.46 3.94 6.99
N LEU A 53 -6.39 5.21 6.64
CA LEU A 53 -5.18 5.81 6.09
C LEU A 53 -4.21 6.07 7.24
N PHE A 54 -2.91 6.04 6.92
CA PHE A 54 -1.89 6.11 7.97
C PHE A 54 -0.58 6.62 7.41
N HIS A 55 0.25 7.14 8.30
CA HIS A 55 1.58 7.63 7.95
C HIS A 55 2.60 6.78 8.71
N LEU A 56 3.37 5.96 7.99
CA LEU A 56 4.35 5.08 8.59
C LEU A 56 5.73 5.72 8.51
N THR A 57 6.48 5.68 9.62
CA THR A 57 7.89 6.06 9.59
C THR A 57 8.71 4.96 10.26
N VAL A 58 9.95 4.81 9.80
CA VAL A 58 10.86 3.81 10.32
C VAL A 58 12.01 4.55 10.99
N VAL A 59 12.25 4.26 12.27
CA VAL A 59 13.38 4.85 12.98
C VAL A 59 14.32 3.72 13.38
N GLU A 60 15.61 4.05 13.48
CA GLU A 60 16.57 3.05 13.93
C GLU A 60 16.59 2.97 15.46
N HIS A 61 16.31 4.07 16.13
CA HIS A 61 16.22 4.08 17.59
C HIS A 61 15.15 5.06 18.03
N LEU A 62 14.29 4.63 18.95
CA LEU A 62 13.27 5.49 19.55
C LEU A 62 13.94 6.29 20.67
N SER A 63 14.71 7.30 20.27
CA SER A 63 15.46 8.12 21.21
C SER A 63 14.54 9.15 21.86
N LYS A 64 15.04 9.81 22.91
CA LYS A 64 14.29 10.91 23.48
C LYS A 64 14.12 12.03 22.47
N GLU A 65 15.16 12.29 21.67
CA GLU A 65 15.06 13.31 20.62
C GLU A 65 13.97 12.98 19.60
N VAL A 66 13.86 11.71 19.21
CA VAL A 66 12.82 11.31 18.26
C VAL A 66 11.45 11.50 18.88
N ILE A 67 11.31 11.21 20.18
CA ILE A 67 10.03 11.31 20.86
C ILE A 67 9.61 12.76 21.04
N GLU A 68 10.57 13.70 21.13
CA GLU A 68 10.22 15.12 21.25
C GLU A 68 9.74 15.68 19.91
N LYS A 69 10.46 15.38 18.83
CA LYS A 69 9.80 15.35 17.53
C LYS A 69 8.68 14.30 17.63
N LEU A 70 7.86 14.17 16.60
CA LEU A 70 6.65 13.35 16.77
C LEU A 70 5.69 14.00 17.77
N ALA A 71 6.16 14.28 18.99
CA ALA A 71 5.33 14.99 19.97
C ALA A 71 4.90 16.36 19.48
N LYS A 72 5.72 17.01 18.65
CA LYS A 72 5.28 18.28 18.08
C LYS A 72 4.10 18.10 17.12
N GLU A 73 3.85 16.87 16.65
CA GLU A 73 2.73 16.57 15.77
C GLU A 73 1.41 16.45 16.52
N ASN A 74 1.44 16.45 17.85
CA ASN A 74 0.23 16.44 18.65
C ASN A 74 -0.38 17.82 18.87
N GLU A 75 0.32 18.90 18.51
CA GLU A 75 -0.19 20.24 18.79
C GLU A 75 -1.50 20.50 18.05
N VAL A 76 -1.54 20.21 16.75
CA VAL A 76 -2.77 20.24 15.98
C VAL A 76 -2.96 18.89 15.34
N ASN A 77 -4.23 18.42 15.32
CA ASN A 77 -4.57 17.06 14.88
C ASN A 77 -3.75 16.04 15.63
N LYS A 78 -4.21 15.66 16.83
CA LYS A 78 -3.53 14.69 17.67
C LYS A 78 -3.67 13.28 17.10
N PRO A 79 -2.66 12.77 16.40
CA PRO A 79 -2.78 11.43 15.80
C PRO A 79 -2.98 10.36 16.85
N LEU A 80 -3.41 9.19 16.39
CA LEU A 80 -3.24 7.94 17.11
C LEU A 80 -1.88 7.37 16.72
N PHE A 81 -1.03 7.10 17.71
CA PHE A 81 0.31 6.58 17.48
C PHE A 81 0.31 5.08 17.72
N ILE A 82 0.81 4.32 16.76
CA ILE A 82 1.02 2.89 16.94
C ILE A 82 2.52 2.64 16.92
N PHE A 83 3.06 2.23 18.05
CA PHE A 83 4.48 1.93 18.20
C PHE A 83 4.66 0.43 18.04
N ALA A 84 5.49 0.03 17.09
CA ALA A 84 5.73 -1.39 16.84
C ALA A 84 7.21 -1.69 17.03
N ASP A 85 7.52 -2.76 17.77
CA ASP A 85 8.89 -3.18 18.05
C ASP A 85 9.67 -2.13 18.82
N MET A 86 8.98 -1.40 19.71
CA MET A 86 9.54 -0.26 20.44
C MET A 86 8.42 0.35 21.29
N GLY A 87 8.82 1.24 22.19
CA GLY A 87 7.90 1.99 23.03
C GLY A 87 7.82 1.52 24.47
N SER A 88 8.04 0.23 24.75
CA SER A 88 7.90 -0.23 26.13
C SER A 88 8.97 0.38 27.04
N GLY A 89 10.22 0.42 26.58
CA GLY A 89 11.28 0.99 27.40
C GLY A 89 11.13 2.49 27.56
N GLN A 90 10.64 3.16 26.50
CA GLN A 90 10.48 4.61 26.46
C GLN A 90 9.11 5.05 26.98
N ILE A 91 8.43 4.19 27.75
CA ILE A 91 7.04 4.39 28.11
C ILE A 91 6.85 5.65 28.94
N GLU A 92 7.84 5.99 29.77
CA GLU A 92 7.69 7.15 30.63
C GLU A 92 7.71 8.44 29.82
N GLU A 93 8.49 8.47 28.74
CA GLU A 93 8.48 9.65 27.87
C GLU A 93 7.18 9.74 27.06
N ILE A 94 6.65 8.58 26.65
CA ILE A 94 5.40 8.56 25.90
C ILE A 94 4.24 9.02 26.77
N ILE A 95 4.23 8.60 28.04
CA ILE A 95 3.24 9.10 29.01
C ILE A 95 3.42 10.60 29.22
N LYS A 96 4.69 11.05 29.35
CA LYS A 96 4.97 12.44 29.69
C LYS A 96 4.39 13.41 28.65
N HIS A 97 4.52 13.09 27.37
CA HIS A 97 3.98 13.94 26.31
C HIS A 97 2.51 13.63 26.00
N ASN A 98 1.90 12.67 26.71
CA ASN A 98 0.47 12.39 26.62
C ASN A 98 0.02 12.03 25.20
N PHE A 99 0.77 11.15 24.55
CA PHE A 99 0.36 10.57 23.27
C PHE A 99 -0.93 9.78 23.45
N ASN A 100 -1.79 9.83 22.43
CA ASN A 100 -2.78 8.78 22.21
C ASN A 100 -2.05 7.65 21.49
N ALA A 101 -1.78 6.53 22.19
CA ALA A 101 -0.82 5.55 21.67
C ALA A 101 -1.24 4.11 21.93
N ILE A 102 -0.77 3.23 21.04
CA ILE A 102 -0.81 1.78 21.20
C ILE A 102 0.62 1.28 21.07
N ILE A 103 1.06 0.50 22.03
CA ILE A 103 2.44 0.03 22.07
C ILE A 103 2.44 -1.48 21.86
N LEU A 104 3.13 -1.92 20.81
CA LEU A 104 3.23 -3.34 20.44
C LEU A 104 4.71 -3.70 20.45
N ASP A 105 5.14 -4.41 21.49
CA ASP A 105 6.56 -4.54 21.78
C ASP A 105 6.79 -5.81 22.58
N HIS A 106 7.98 -6.38 22.45
CA HIS A 106 8.35 -7.54 23.26
C HIS A 106 9.63 -7.34 24.04
N HIS A 107 10.14 -6.10 24.14
CA HIS A 107 11.25 -5.81 25.03
C HIS A 107 10.77 -5.84 26.49
N PRO A 108 11.67 -6.13 27.43
CA PRO A 108 11.29 -6.12 28.87
C PRO A 108 10.62 -4.81 29.25
N PRO A 109 9.39 -4.86 29.76
CA PRO A 109 8.65 -3.63 30.01
C PRO A 109 9.17 -2.86 31.21
N VAL A 110 9.00 -1.54 31.18
CA VAL A 110 9.31 -0.70 32.33
C VAL A 110 8.11 -0.63 33.27
N ILE A 111 6.91 -0.43 32.73
CA ILE A 111 5.65 -0.51 33.47
C ILE A 111 4.93 -1.78 33.01
N LYS A 112 4.60 -2.65 33.96
CA LYS A 112 3.98 -3.93 33.61
C LYS A 112 2.46 -3.85 33.59
N ASP A 113 1.90 -2.76 33.07
CA ASP A 113 0.47 -2.58 32.91
C ASP A 113 0.10 -2.64 31.43
N SER A 114 -0.99 -3.36 31.14
CA SER A 114 -1.55 -3.33 29.79
C SER A 114 -2.24 -1.99 29.52
N PHE A 115 -3.11 -1.57 30.43
CA PHE A 115 -3.96 -0.38 30.25
C PHE A 115 -3.40 0.74 31.12
N ILE A 116 -2.46 1.50 30.55
CA ILE A 116 -1.71 2.49 31.28
C ILE A 116 -2.67 3.52 31.86
N ASN A 117 -3.14 4.45 31.04
CA ASN A 117 -4.13 5.38 31.55
C ASN A 117 -5.34 5.41 30.63
N GLU A 118 -5.94 6.58 30.46
CA GLU A 118 -7.03 6.72 29.51
C GLU A 118 -6.55 6.57 28.07
N ASN A 119 -5.28 6.89 27.81
CA ASN A 119 -4.80 7.15 26.46
C ASN A 119 -3.93 6.04 25.87
N ILE A 120 -3.32 5.18 26.69
CA ILE A 120 -2.28 4.27 26.24
C ILE A 120 -2.70 2.83 26.52
N ILE A 121 -2.60 1.98 25.51
CA ILE A 121 -2.67 0.53 25.66
C ILE A 121 -1.31 -0.02 25.28
N GLN A 122 -0.71 -0.81 26.17
CA GLN A 122 0.57 -1.46 25.92
C GLN A 122 0.31 -2.96 25.87
N LEU A 123 0.49 -3.55 24.69
CA LEU A 123 0.45 -5.00 24.55
C LEU A 123 1.90 -5.49 24.56
N ASN A 124 2.31 -6.08 25.67
CA ASN A 124 3.64 -6.63 25.83
C ASN A 124 3.47 -8.02 26.43
N PRO A 125 3.95 -9.07 25.77
CA PRO A 125 3.75 -10.43 26.30
C PRO A 125 4.48 -10.70 27.59
N HIS A 126 5.53 -9.95 27.92
CA HIS A 126 6.16 -10.13 29.23
C HIS A 126 5.14 -9.96 30.35
N ILE A 127 4.17 -9.05 30.16
CA ILE A 127 3.19 -8.78 31.20
C ILE A 127 2.37 -10.01 31.53
N PHE A 128 2.19 -10.92 30.56
CA PHE A 128 1.54 -12.21 30.78
C PHE A 128 2.53 -13.36 30.96
N GLY A 129 3.79 -13.05 31.27
CA GLY A 129 4.76 -14.09 31.51
C GLY A 129 5.27 -14.83 30.29
N VAL A 130 5.15 -14.23 29.10
CA VAL A 130 5.72 -14.83 27.90
C VAL A 130 7.13 -14.25 27.71
N ASP A 131 8.09 -15.11 27.37
CA ASP A 131 9.49 -14.68 27.25
C ASP A 131 9.67 -14.00 25.90
N GLY A 132 9.80 -12.67 25.92
CA GLY A 132 9.97 -11.88 24.71
C GLY A 132 11.26 -12.12 23.96
N SER A 133 12.17 -12.94 24.49
CA SER A 133 13.42 -13.22 23.80
C SER A 133 13.44 -14.58 23.13
N ARG A 134 12.47 -15.45 23.44
CA ARG A 134 12.45 -16.79 22.87
C ARG A 134 11.09 -17.25 22.38
N GLU A 135 9.99 -16.57 22.75
CA GLU A 135 8.66 -17.09 22.48
C GLU A 135 7.72 -16.16 21.70
N ILE A 136 8.12 -14.92 21.40
CA ILE A 136 7.33 -14.05 20.53
C ILE A 136 8.15 -12.83 20.16
N THR A 137 7.91 -12.32 18.95
CA THR A 137 8.57 -11.15 18.39
C THR A 137 7.55 -10.02 18.21
N ALA A 138 8.05 -8.85 17.83
CA ALA A 138 7.15 -7.73 17.53
C ALA A 138 6.18 -8.09 16.40
N SER A 139 6.67 -8.77 15.37
CA SER A 139 5.79 -9.29 14.32
C SER A 139 4.66 -10.12 14.88
N GLY A 140 4.95 -10.99 15.85
CA GLY A 140 3.92 -11.85 16.40
C GLY A 140 2.89 -11.07 17.22
N VAL A 141 3.34 -10.02 17.90
CA VAL A 141 2.41 -9.17 18.64
C VAL A 141 1.49 -8.43 17.66
N CYS A 142 2.07 -7.85 16.60
CA CYS A 142 1.25 -7.23 15.56
C CYS A 142 0.27 -8.25 14.98
N TYR A 143 0.74 -9.48 14.75
CA TYR A 143 -0.16 -10.48 14.18
C TYR A 143 -1.30 -10.83 15.13
N LEU A 144 -1.06 -10.80 16.46
CA LEU A 144 -2.14 -11.12 17.40
C LEU A 144 -3.26 -10.09 17.34
N VAL A 145 -2.93 -8.83 17.05
CA VAL A 145 -3.96 -7.83 16.81
C VAL A 145 -4.69 -8.14 15.51
N ALA A 146 -3.92 -8.39 14.44
CA ALA A 146 -4.51 -8.62 13.12
C ALA A 146 -5.45 -9.81 13.12
N ARG A 147 -5.13 -10.86 13.89
CA ARG A 147 -6.02 -12.00 13.89
C ARG A 147 -7.36 -11.69 14.54
N GLU A 148 -7.43 -10.62 15.35
CA GLU A 148 -8.72 -10.17 15.85
C GLU A 148 -9.66 -9.73 14.73
N PHE A 149 -9.12 -9.39 13.56
CA PHE A 149 -9.93 -9.08 12.38
C PHE A 149 -10.09 -10.27 11.44
N GLY A 150 -9.55 -11.44 11.80
CA GLY A 150 -9.59 -12.55 10.88
C GLY A 150 -8.53 -12.55 9.80
N TYR A 151 -7.52 -11.68 9.88
CA TYR A 151 -6.52 -11.59 8.81
C TYR A 151 -5.40 -12.62 9.03
N TYR A 152 -5.81 -13.89 8.89
CA TYR A 152 -4.89 -15.01 9.13
C TYR A 152 -3.78 -15.06 8.11
N ASP A 153 -4.00 -14.52 6.91
CA ASP A 153 -2.97 -14.53 5.89
C ASP A 153 -1.75 -13.74 6.35
N LEU A 154 -1.90 -12.82 7.31
CA LEU A 154 -0.76 -12.03 7.76
C LEU A 154 0.20 -12.83 8.64
N SER A 155 -0.14 -14.07 8.97
CA SER A 155 0.76 -14.93 9.72
C SER A 155 2.08 -15.18 8.98
N VAL A 156 2.11 -15.02 7.65
CA VAL A 156 3.35 -15.24 6.92
C VAL A 156 4.39 -14.20 7.29
N LEU A 157 3.97 -12.96 7.53
CA LEU A 157 4.91 -11.93 7.94
C LEU A 157 5.33 -12.09 9.41
N ALA A 158 4.46 -12.61 10.27
CA ALA A 158 4.89 -12.92 11.63
C ALA A 158 6.00 -13.96 11.62
N ILE A 159 5.87 -14.97 10.76
CA ILE A 159 6.90 -15.99 10.61
C ILE A 159 8.22 -15.38 10.17
N VAL A 160 8.17 -14.43 9.21
CA VAL A 160 9.39 -13.74 8.81
C VAL A 160 10.06 -13.06 10.00
N GLY A 161 9.27 -12.42 10.87
CA GLY A 161 9.83 -11.78 12.05
C GLY A 161 10.41 -12.77 13.04
N ILE A 162 9.78 -13.94 13.18
CA ILE A 162 10.28 -14.96 14.08
C ILE A 162 11.67 -15.41 13.64
N ILE A 163 11.84 -15.59 12.33
CA ILE A 163 13.13 -15.97 11.79
C ILE A 163 14.15 -14.86 11.99
N GLY A 164 13.76 -13.62 11.68
CA GLY A 164 14.71 -12.51 11.76
C GLY A 164 15.22 -12.26 13.18
N ASP A 165 14.41 -12.55 14.18
CA ASP A 165 14.81 -12.43 15.58
C ASP A 165 15.37 -13.73 16.15
N MET A 166 15.62 -14.72 15.31
CA MET A 166 16.23 -15.99 15.69
C MET A 166 15.49 -16.66 16.85
N GLN A 167 14.18 -16.89 16.63
CA GLN A 167 13.34 -17.59 17.59
C GLN A 167 12.64 -18.79 16.95
N TYR A 168 13.21 -19.30 15.86
CA TYR A 168 12.66 -20.43 15.14
C TYR A 168 13.22 -21.77 15.56
N ASN A 169 14.31 -21.80 16.35
CA ASN A 169 14.94 -23.06 16.77
C ASN A 169 15.60 -22.86 18.13
N PRO A 170 14.91 -23.28 19.22
CA PRO A 170 13.62 -23.96 19.17
C PRO A 170 12.43 -23.02 18.96
N LEU A 171 11.35 -23.56 18.42
CA LEU A 171 10.11 -22.85 18.17
C LEU A 171 9.17 -23.05 19.37
N LEU A 172 8.89 -21.97 20.10
CA LEU A 172 8.29 -22.06 21.43
C LEU A 172 7.07 -21.15 21.58
N GLY A 173 6.15 -21.58 22.43
CA GLY A 173 5.10 -20.72 22.97
C GLY A 173 4.18 -20.09 21.92
N LEU A 174 4.10 -18.76 21.94
CA LEU A 174 3.23 -18.04 21.00
C LEU A 174 3.70 -18.19 19.57
N ASN A 175 5.02 -18.16 19.35
CA ASN A 175 5.56 -18.37 18.00
C ASN A 175 5.12 -19.71 17.43
N LYS A 176 5.00 -20.73 18.28
CA LYS A 176 4.58 -22.05 17.81
C LYS A 176 3.08 -22.08 17.55
N PHE A 177 2.30 -21.39 18.37
CA PHE A 177 0.88 -21.22 18.07
C PHE A 177 0.69 -20.56 16.70
N ILE A 178 1.47 -19.49 16.42
CA ILE A 178 1.32 -18.74 15.17
C ILE A 178 1.67 -19.62 13.97
N VAL A 179 2.80 -20.34 14.05
CA VAL A 179 3.21 -21.20 12.94
C VAL A 179 2.14 -22.26 12.66
N ASN A 180 1.55 -22.83 13.70
CA ASN A 180 0.60 -23.92 13.51
C ASN A 180 -0.74 -23.39 12.99
N GLU A 181 -1.17 -22.21 13.45
CA GLU A 181 -2.32 -21.53 12.87
C GLU A 181 -2.08 -21.25 11.38
N ALA A 182 -0.86 -20.83 11.02
CA ALA A 182 -0.55 -20.57 9.62
C ALA A 182 -0.57 -21.85 8.82
N ARG A 183 -0.08 -22.95 9.38
CA ARG A 183 -0.11 -24.19 8.63
C ARG A 183 -1.53 -24.72 8.53
N GLU A 184 -2.36 -24.47 9.54
CA GLU A 184 -3.74 -24.93 9.55
C GLU A 184 -4.59 -24.20 8.52
N TYR A 185 -4.32 -22.92 8.30
CA TYR A 185 -5.01 -22.14 7.28
C TYR A 185 -4.34 -22.24 5.92
N ARG A 186 -3.28 -23.06 5.81
CA ARG A 186 -2.59 -23.33 4.54
C ARG A 186 -1.85 -22.09 4.01
N TYR A 187 -1.38 -21.22 4.90
CA TYR A 187 -0.53 -20.11 4.49
C TYR A 187 0.97 -20.44 4.59
N VAL A 188 1.33 -21.57 5.23
CA VAL A 188 2.73 -22.01 5.27
C VAL A 188 2.77 -23.53 5.18
N LYS A 189 3.82 -24.03 4.55
CA LYS A 189 4.16 -25.44 4.58
C LYS A 189 5.60 -25.56 5.03
N ILE A 190 5.86 -26.57 5.86
CA ILE A 190 7.14 -26.75 6.52
C ILE A 190 7.86 -27.93 5.90
N MET A 191 9.16 -27.76 5.66
CA MET A 191 9.93 -28.75 4.92
C MET A 191 11.37 -28.74 5.40
N ASN A 192 11.85 -29.90 5.86
CA ASN A 192 13.23 -30.03 6.29
C ASN A 192 14.15 -30.11 5.07
N ASP A 193 15.22 -29.33 5.06
CA ASP A 193 16.02 -29.19 3.86
C ASP A 193 17.39 -28.66 4.24
N ILE A 194 18.32 -28.72 3.29
CA ILE A 194 19.64 -28.13 3.49
C ILE A 194 19.54 -26.62 3.27
N VAL A 195 20.24 -25.86 4.14
CA VAL A 195 20.12 -24.40 4.16
C VAL A 195 20.39 -23.81 2.77
N TYR A 196 21.37 -24.38 2.07
CA TYR A 196 21.80 -23.80 0.80
C TYR A 196 20.71 -23.79 -0.26
N ASN A 197 19.67 -24.61 -0.11
CA ASN A 197 18.60 -24.63 -1.10
C ASN A 197 17.61 -23.47 -0.95
N ILE A 198 17.73 -22.62 0.06
CA ILE A 198 16.74 -21.55 0.19
C ILE A 198 17.02 -20.41 -0.77
N TYR A 199 18.20 -20.34 -1.36
CA TYR A 199 18.58 -19.16 -2.14
C TYR A 199 18.16 -19.21 -3.59
N ASP A 200 17.96 -20.41 -4.15
CA ASP A 200 17.63 -20.58 -5.56
C ASP A 200 18.67 -19.91 -6.46
N VAL A 201 19.94 -20.07 -6.08
CA VAL A 201 21.06 -19.66 -6.91
C VAL A 201 22.01 -20.84 -7.04
N GLU A 202 23.02 -20.67 -7.90
CA GLU A 202 24.07 -21.67 -8.00
C GLU A 202 24.64 -22.00 -6.63
N ILE A 203 24.76 -23.29 -6.34
CA ILE A 203 25.13 -23.74 -5.00
C ILE A 203 26.50 -23.20 -4.58
N TYR A 204 27.45 -23.12 -5.52
CA TYR A 204 28.75 -22.56 -5.13
C TYR A 204 28.62 -21.10 -4.67
N LYS A 205 27.61 -20.37 -5.16
CA LYS A 205 27.34 -19.04 -4.63
C LYS A 205 26.56 -19.11 -3.31
N ALA A 206 25.64 -20.06 -3.20
CA ALA A 206 24.90 -20.20 -1.95
C ALA A 206 25.82 -20.56 -0.79
N ILE A 207 26.85 -21.38 -1.07
CA ILE A 207 27.81 -21.74 -0.04
C ILE A 207 28.78 -20.59 0.22
N ALA A 208 29.33 -19.98 -0.83
CA ALA A 208 30.34 -18.94 -0.67
C ALA A 208 29.85 -17.76 0.18
N TYR A 209 28.56 -17.43 0.11
CA TYR A 209 28.05 -16.23 0.78
C TYR A 209 27.19 -16.56 1.99
N CYS A 210 27.13 -17.84 2.38
CA CYS A 210 26.34 -18.24 3.52
C CYS A 210 27.03 -17.85 4.81
N THR A 211 26.23 -17.39 5.79
CA THR A 211 26.73 -17.00 7.09
C THR A 211 25.98 -17.70 8.22
N LYS A 212 25.15 -18.70 7.93
CA LYS A 212 24.60 -19.59 8.95
C LYS A 212 24.33 -20.95 8.31
N PRO A 213 25.33 -21.86 8.33
CA PRO A 213 26.63 -21.62 8.96
C PRO A 213 27.62 -20.85 8.07
N TYR A 214 28.49 -20.08 8.72
CA TYR A 214 29.62 -19.45 8.07
C TYR A 214 30.77 -20.43 8.05
N ILE A 215 31.31 -20.71 6.87
CA ILE A 215 32.44 -21.63 6.75
C ILE A 215 33.59 -20.86 6.11
N PRO A 216 34.48 -20.27 6.90
CA PRO A 216 35.55 -19.42 6.34
C PRO A 216 36.37 -20.09 5.25
N ASP A 217 36.61 -21.39 5.33
CA ASP A 217 37.37 -22.07 4.29
C ASP A 217 36.61 -22.16 2.97
N LEU A 218 35.31 -21.94 2.97
CA LEU A 218 34.51 -22.01 1.77
C LEU A 218 33.93 -20.66 1.35
N ALA A 219 34.12 -19.62 2.16
CA ALA A 219 33.52 -18.32 1.93
C ALA A 219 34.17 -17.58 0.77
N SER A 220 34.20 -18.23 -0.40
CA SER A 220 34.59 -17.59 -1.65
C SER A 220 34.08 -18.46 -2.79
N GLU A 221 33.71 -17.80 -3.89
CA GLU A 221 33.22 -18.54 -5.04
C GLU A 221 34.25 -19.56 -5.51
N GLY A 222 35.53 -19.17 -5.50
CA GLY A 222 36.59 -20.05 -5.93
C GLY A 222 36.63 -21.35 -5.16
N LYS A 223 36.78 -21.27 -3.83
CA LYS A 223 36.91 -22.48 -3.04
C LYS A 223 35.61 -23.27 -3.00
N ALA A 224 34.46 -22.59 -3.02
CA ALA A 224 33.20 -23.33 -2.99
C ALA A 224 33.01 -24.12 -4.26
N PHE A 225 33.31 -23.51 -5.41
CA PHE A 225 33.22 -24.21 -6.70
C PHE A 225 34.13 -25.45 -6.70
N LYS A 226 35.34 -25.32 -6.17
CA LYS A 226 36.29 -26.43 -6.16
C LYS A 226 35.87 -27.53 -5.18
N PHE A 227 35.36 -27.13 -4.01
CA PHE A 227 34.93 -28.12 -3.02
C PHE A 227 33.81 -28.99 -3.57
N LEU A 228 32.91 -28.41 -4.36
CA LEU A 228 31.78 -29.19 -4.88
C LEU A 228 32.21 -30.10 -6.01
N LYS A 229 33.03 -29.58 -6.94
CA LYS A 229 33.47 -30.41 -8.05
C LYS A 229 34.35 -31.57 -7.60
N ASP A 230 35.00 -31.46 -6.44
CA ASP A 230 35.81 -32.54 -5.90
C ASP A 230 35.01 -33.63 -5.20
N ILE A 231 33.73 -33.41 -4.92
CA ILE A 231 32.92 -34.44 -4.28
C ILE A 231 31.76 -34.87 -5.15
N GLY A 232 31.78 -34.51 -6.43
CA GLY A 232 30.85 -35.04 -7.40
C GLY A 232 29.54 -34.32 -7.58
N ILE A 233 29.50 -33.00 -7.32
CA ILE A 233 28.28 -32.21 -7.43
C ILE A 233 28.51 -31.12 -8.47
N ASP A 234 27.55 -30.94 -9.36
CA ASP A 234 27.67 -29.86 -10.33
C ASP A 234 27.44 -28.53 -9.62
N PRO A 235 28.47 -27.69 -9.46
CA PRO A 235 28.29 -26.45 -8.70
C PRO A 235 27.35 -25.44 -9.35
N ASN A 236 26.99 -25.60 -10.62
CA ASN A 236 26.11 -24.64 -11.26
C ASN A 236 24.63 -24.94 -11.06
N LYS A 237 24.28 -26.13 -10.58
CA LYS A 237 22.88 -26.40 -10.29
C LYS A 237 22.41 -25.51 -9.14
N LYS A 238 21.10 -25.25 -9.11
CA LYS A 238 20.52 -24.34 -8.13
C LYS A 238 19.80 -25.05 -6.99
N GLN A 239 19.49 -26.33 -7.13
CA GLN A 239 18.87 -27.09 -6.04
C GLN A 239 19.55 -28.44 -5.90
N LEU A 240 19.81 -28.84 -4.67
CA LEU A 240 20.45 -30.12 -4.36
C LEU A 240 19.36 -31.17 -4.08
N ASP A 241 19.41 -32.27 -4.85
CA ASP A 241 18.58 -33.44 -4.57
C ASP A 241 19.13 -34.22 -3.38
N ASP A 242 18.47 -35.35 -3.07
CA ASP A 242 18.86 -36.12 -1.89
C ASP A 242 20.31 -36.64 -2.00
N THR A 243 20.69 -37.15 -3.17
CA THR A 243 22.03 -37.73 -3.30
C THR A 243 23.11 -36.66 -3.12
N ASP A 244 22.97 -35.53 -3.80
CA ASP A 244 23.94 -34.44 -3.63
C ASP A 244 23.88 -33.86 -2.22
N LYS A 245 22.74 -33.98 -1.53
CA LYS A 245 22.65 -33.47 -0.16
C LYS A 245 23.47 -34.34 0.78
N LYS A 246 23.22 -35.64 0.78
CA LYS A 246 24.01 -36.55 1.61
C LYS A 246 25.49 -36.48 1.27
N LYS A 247 25.85 -36.32 -0.01
CA LYS A 247 27.26 -36.15 -0.35
C LYS A 247 27.83 -34.86 0.25
N LEU A 248 27.05 -33.77 0.22
CA LEU A 248 27.58 -32.51 0.73
C LEU A 248 27.60 -32.51 2.26
N LEU A 249 26.61 -33.13 2.89
CA LEU A 249 26.54 -33.15 4.35
C LEU A 249 27.77 -33.84 4.96
N SER A 250 28.03 -35.09 4.55
CA SER A 250 29.13 -35.82 5.16
C SER A 250 30.48 -35.21 4.80
N ALA A 251 30.65 -34.73 3.57
CA ALA A 251 31.89 -34.05 3.21
C ALA A 251 32.13 -32.82 4.10
N ILE A 252 31.08 -32.07 4.43
CA ILE A 252 31.23 -30.89 5.27
C ILE A 252 31.46 -31.28 6.73
N ILE A 253 30.68 -32.23 7.24
CA ILE A 253 30.79 -32.65 8.63
C ILE A 253 32.12 -33.33 8.88
N PHE A 254 32.67 -34.00 7.87
CA PHE A 254 33.99 -34.60 8.00
C PHE A 254 35.05 -33.54 8.24
N LYS A 255 35.17 -32.58 7.32
CA LYS A 255 36.25 -31.60 7.47
C LYS A 255 35.95 -30.54 8.51
N TYR A 256 34.69 -30.38 8.93
CA TYR A 256 34.32 -29.41 9.96
C TYR A 256 33.30 -30.02 10.90
N PRO A 257 33.75 -30.93 11.80
CA PRO A 257 32.79 -31.63 12.66
C PRO A 257 32.10 -30.73 13.67
N LYS A 258 32.63 -29.53 13.94
CA LYS A 258 31.92 -28.63 14.86
C LYS A 258 30.70 -27.97 14.22
N ILE A 259 30.53 -28.06 12.90
CA ILE A 259 29.53 -27.25 12.21
C ILE A 259 28.12 -27.75 12.52
N GLU A 260 27.17 -26.81 12.51
CA GLU A 260 25.79 -27.11 12.88
C GLU A 260 24.85 -26.29 11.98
N ASN A 261 23.58 -26.68 12.00
CA ASN A 261 22.50 -25.97 11.29
C ASN A 261 22.67 -26.05 9.77
N LEU A 262 23.14 -27.20 9.27
CA LEU A 262 23.09 -27.43 7.82
C LEU A 262 21.70 -27.83 7.38
N LEU A 263 20.98 -28.54 8.23
CA LEU A 263 19.60 -28.92 7.97
C LEU A 263 18.68 -28.06 8.82
N ILE A 264 17.73 -27.38 8.16
CA ILE A 264 16.78 -26.48 8.79
C ILE A 264 15.37 -26.90 8.36
N ASP A 265 14.39 -26.48 9.15
CA ASP A 265 12.98 -26.60 8.78
C ASP A 265 12.60 -25.34 7.96
N ARG A 266 12.59 -25.48 6.63
CA ARG A 266 12.18 -24.36 5.78
C ARG A 266 10.70 -24.05 5.95
N TYR A 267 10.37 -22.76 5.87
CA TYR A 267 8.98 -22.30 5.88
C TYR A 267 8.63 -21.77 4.49
N LEU A 268 7.77 -22.48 3.76
CA LEU A 268 7.32 -22.04 2.44
C LEU A 268 5.99 -21.30 2.63
N ILE A 269 6.01 -19.98 2.45
CA ILE A 269 4.89 -19.13 2.80
C ILE A 269 4.16 -18.70 1.53
N GLU A 270 2.88 -18.36 1.71
CA GLU A 270 2.05 -17.75 0.67
C GLU A 270 2.48 -16.29 0.52
N HIS A 271 3.48 -16.06 -0.32
CA HIS A 271 4.06 -14.74 -0.54
C HIS A 271 4.84 -14.85 -1.82
N LYS A 272 4.95 -13.74 -2.57
CA LYS A 272 5.78 -13.75 -3.77
C LYS A 272 7.22 -14.21 -3.47
N VAL A 273 7.77 -13.82 -2.33
CA VAL A 273 9.02 -14.42 -1.87
C VAL A 273 8.61 -15.64 -1.05
N ARG A 274 8.63 -16.81 -1.70
CA ARG A 274 8.02 -17.99 -1.11
C ARG A 274 8.80 -18.53 0.08
N ASP A 275 10.12 -18.32 0.14
CA ASP A 275 10.94 -18.86 1.22
C ASP A 275 11.07 -17.82 2.33
N ALA A 276 10.49 -18.11 3.49
CA ALA A 276 10.50 -17.14 4.59
C ALA A 276 11.92 -16.86 5.09
N PHE A 277 12.82 -17.86 5.04
CA PHE A 277 14.21 -17.58 5.37
C PHE A 277 14.81 -16.58 4.39
N LEU A 278 14.53 -16.73 3.09
CA LEU A 278 15.06 -15.77 2.13
C LEU A 278 14.43 -14.39 2.35
N LEU A 279 13.12 -14.36 2.63
CA LEU A 279 12.44 -13.07 2.83
C LEU A 279 13.04 -12.34 4.03
N SER A 280 13.36 -13.09 5.08
CA SER A 280 14.01 -12.55 6.28
C SER A 280 15.35 -11.90 5.94
N GLU A 281 16.22 -12.62 5.24
CA GLU A 281 17.50 -12.03 4.82
C GLU A 281 17.31 -10.81 3.93
N MET A 282 16.33 -10.87 3.03
CA MET A 282 16.16 -9.76 2.09
C MET A 282 15.74 -8.50 2.83
N LEU A 283 14.81 -8.63 3.79
CA LEU A 283 14.37 -7.45 4.55
C LEU A 283 15.50 -6.88 5.40
N ASN A 284 16.33 -7.76 5.97
CA ASN A 284 17.48 -7.30 6.74
C ASN A 284 18.40 -6.45 5.89
N ALA A 285 18.72 -6.94 4.68
CA ALA A 285 19.62 -6.22 3.81
C ALA A 285 19.07 -4.86 3.40
N VAL A 286 17.77 -4.78 3.04
CA VAL A 286 17.26 -3.49 2.59
C VAL A 286 17.17 -2.53 3.77
N GLY A 287 16.77 -3.05 4.94
CA GLY A 287 16.73 -2.22 6.13
C GLY A 287 18.10 -1.69 6.53
N ARG A 288 19.14 -2.52 6.40
CA ARG A 288 20.48 -2.06 6.73
C ARG A 288 20.98 -1.03 5.73
N ASN A 289 20.45 -1.05 4.51
CA ASN A 289 20.80 -0.08 3.48
C ASN A 289 19.95 1.16 3.55
N GLY A 290 19.13 1.29 4.59
CA GLY A 290 18.28 2.46 4.71
C GLY A 290 17.10 2.48 3.78
N LEU A 291 16.76 1.36 3.15
CA LEU A 291 15.71 1.34 2.12
C LEU A 291 14.39 0.91 2.77
N PHE A 292 13.91 1.79 3.66
CA PHE A 292 12.78 1.45 4.53
C PHE A 292 11.49 1.30 3.75
N ALA A 293 11.21 2.23 2.84
CA ALA A 293 9.98 2.19 2.05
C ALA A 293 9.98 1.00 1.10
N VAL A 294 11.15 0.65 0.55
CA VAL A 294 11.25 -0.54 -0.29
C VAL A 294 10.94 -1.80 0.49
N GLY A 295 11.39 -1.87 1.76
CA GLY A 295 11.12 -3.06 2.57
C GLY A 295 9.63 -3.22 2.85
N ILE A 296 8.94 -2.12 3.18
CA ILE A 296 7.49 -2.16 3.30
C ILE A 296 6.88 -2.65 1.99
N GLY A 297 7.33 -2.07 0.85
CA GLY A 297 6.84 -2.51 -0.44
C GLY A 297 7.03 -3.99 -0.69
N ILE A 298 8.15 -4.54 -0.21
CA ILE A 298 8.41 -5.96 -0.37
C ILE A 298 7.38 -6.77 0.43
N CYS A 299 7.04 -6.30 1.63
CA CYS A 299 6.03 -7.00 2.43
C CYS A 299 4.69 -7.00 1.72
N LEU A 300 4.37 -5.90 1.04
CA LEU A 300 3.13 -5.77 0.29
C LEU A 300 3.24 -6.34 -1.10
N GLU A 301 4.33 -7.06 -1.41
CA GLU A 301 4.43 -7.88 -2.61
C GLU A 301 4.50 -7.05 -3.89
N ASP A 302 5.08 -5.86 -3.83
CA ASP A 302 5.34 -5.12 -5.06
C ASP A 302 6.51 -5.72 -5.84
N ASP A 303 6.29 -5.99 -7.14
CA ASP A 303 7.29 -6.69 -7.96
C ASP A 303 8.61 -5.91 -8.07
N GLU A 304 8.55 -4.58 -8.20
CA GLU A 304 9.78 -3.83 -8.32
C GLU A 304 10.53 -3.74 -6.98
N CYS A 305 9.80 -3.61 -5.87
CA CYS A 305 10.50 -3.59 -4.59
C CYS A 305 11.18 -4.93 -4.32
N ILE A 306 10.56 -6.05 -4.74
CA ILE A 306 11.17 -7.36 -4.60
C ILE A 306 12.43 -7.47 -5.46
N LYS A 307 12.39 -6.89 -6.67
CA LYS A 307 13.55 -6.87 -7.53
C LYS A 307 14.72 -6.09 -6.89
N ILE A 308 14.45 -4.87 -6.43
CA ILE A 308 15.45 -4.13 -5.68
C ILE A 308 15.98 -4.98 -4.53
N GLY A 309 15.05 -5.62 -3.80
CA GLY A 309 15.43 -6.41 -2.63
C GLY A 309 16.37 -7.56 -2.96
N ASN A 310 16.17 -8.22 -4.10
CA ASN A 310 17.08 -9.28 -4.51
C ASN A 310 18.47 -8.70 -4.84
N GLN A 311 18.50 -7.58 -5.54
CA GLN A 311 19.78 -7.01 -5.92
C GLN A 311 20.54 -6.56 -4.68
N ILE A 312 19.84 -5.91 -3.76
CA ILE A 312 20.47 -5.37 -2.58
C ILE A 312 20.93 -6.49 -1.65
N LEU A 313 20.13 -7.56 -1.54
CA LEU A 313 20.50 -8.68 -0.69
C LEU A 313 21.84 -9.27 -1.11
N TRP A 314 22.07 -9.43 -2.42
CA TRP A 314 23.29 -10.09 -2.85
C TRP A 314 24.50 -9.16 -2.78
N GLU A 315 24.32 -7.86 -3.04
CA GLU A 315 25.39 -6.90 -2.73
C GLU A 315 25.73 -6.94 -1.24
N TYR A 316 24.72 -7.01 -0.38
CA TYR A 316 24.94 -6.98 1.05
C TYR A 316 25.68 -8.23 1.52
N LYS A 317 25.27 -9.41 1.04
CA LYS A 317 25.90 -10.65 1.47
C LYS A 317 27.35 -10.72 1.01
N LYS A 318 27.66 -10.13 -0.15
CA LYS A 318 29.05 -10.06 -0.60
C LYS A 318 29.85 -9.08 0.25
N ASN A 319 29.28 -7.91 0.54
CA ASN A 319 29.93 -6.97 1.46
C ASN A 319 30.17 -7.62 2.80
N LEU A 320 29.22 -8.43 3.26
CA LEU A 320 29.34 -9.06 4.58
C LEU A 320 30.49 -10.05 4.62
N ILE A 321 30.69 -10.84 3.55
CA ILE A 321 31.76 -11.83 3.54
C ILE A 321 33.13 -11.14 3.53
N ASN A 322 33.26 -10.08 2.72
CA ASN A 322 34.49 -9.29 2.71
C ASN A 322 34.80 -8.72 4.09
N GLU A 323 33.77 -8.29 4.82
CA GLU A 323 34.00 -7.69 6.12
C GLU A 323 34.26 -8.73 7.22
N LEU A 324 33.75 -9.96 7.06
CA LEU A 324 34.08 -10.98 8.04
C LEU A 324 35.55 -11.37 7.97
N LYS A 325 36.18 -11.24 6.79
CA LYS A 325 37.60 -11.56 6.67
C LYS A 325 38.48 -10.50 7.33
N SER A 326 38.12 -9.23 7.19
CA SER A 326 38.97 -8.14 7.65
C SER A 326 38.64 -7.64 9.05
N VAL A 327 37.71 -8.28 9.77
CA VAL A 327 37.32 -7.81 11.09
C VAL A 327 38.39 -8.18 12.11
N LYS A 328 38.57 -7.32 13.12
CA LYS A 328 39.63 -7.45 14.13
C LYS A 328 39.01 -7.75 15.49
N LEU A 329 38.77 -9.04 15.75
CA LEU A 329 38.35 -9.49 17.07
C LEU A 329 39.39 -9.11 18.11
N LYS A 330 38.94 -8.64 19.26
CA LYS A 330 39.87 -8.32 20.35
C LYS A 330 39.32 -8.83 21.67
N LYS A 331 40.20 -9.43 22.47
CA LYS A 331 39.85 -10.01 23.75
C LYS A 331 39.96 -8.98 24.88
N LEU A 332 39.10 -9.12 25.89
CA LEU A 332 39.29 -8.47 27.17
C LEU A 332 39.23 -9.51 28.27
N ASN A 333 38.44 -9.25 29.30
CA ASN A 333 38.30 -10.26 30.35
C ASN A 333 37.18 -11.24 30.00
N ASN A 334 35.97 -10.75 29.79
CA ASN A 334 34.88 -11.67 29.53
C ASN A 334 33.98 -11.22 28.39
N ILE A 335 34.53 -10.49 27.40
CA ILE A 335 33.80 -10.15 26.16
C ILE A 335 34.81 -10.10 25.01
N TYR A 336 34.30 -10.32 23.80
CA TYR A 336 34.97 -9.97 22.55
C TYR A 336 34.34 -8.70 21.99
N TYR A 337 35.13 -7.92 21.25
CA TYR A 337 34.55 -6.75 20.61
C TYR A 337 35.30 -6.47 19.31
N PHE A 338 34.77 -5.51 18.55
CA PHE A 338 35.35 -5.09 17.29
C PHE A 338 34.75 -3.75 16.89
N GLU A 339 35.39 -3.10 15.93
CA GLU A 339 34.79 -1.97 15.23
C GLU A 339 34.48 -2.38 13.78
N GLY A 340 33.41 -1.82 13.25
CA GLY A 340 33.02 -2.10 11.89
C GLY A 340 32.11 -1.02 11.34
N LYS A 341 31.36 -1.38 10.31
CA LYS A 341 30.53 -0.43 9.59
C LYS A 341 29.06 -0.58 9.96
N LYS A 342 28.28 0.47 9.65
CA LYS A 342 26.96 0.70 10.21
C LYS A 342 26.04 -0.52 10.10
N GLY A 343 25.84 -1.02 8.89
CA GLY A 343 24.86 -2.07 8.72
C GLY A 343 25.30 -3.48 9.05
N MET A 344 26.53 -3.66 9.55
CA MET A 344 27.11 -4.99 9.76
C MET A 344 27.35 -5.36 11.23
N ILE A 345 27.16 -4.43 12.17
CA ILE A 345 27.67 -4.58 13.54
C ILE A 345 26.97 -5.73 14.26
N GLY A 346 25.63 -5.67 14.33
CA GLY A 346 24.89 -6.71 15.04
C GLY A 346 24.97 -8.07 14.37
N ILE A 347 25.05 -8.10 13.04
CA ILE A 347 25.07 -9.39 12.36
C ILE A 347 26.43 -10.07 12.49
N ILE A 348 27.53 -9.31 12.43
CA ILE A 348 28.84 -9.91 12.64
C ILE A 348 28.95 -10.43 14.07
N ALA A 349 28.42 -9.67 15.03
CA ALA A 349 28.45 -10.09 16.42
C ALA A 349 27.86 -11.49 16.61
N SER A 350 26.66 -11.72 16.03
CA SER A 350 25.98 -13.00 16.21
C SER A 350 26.55 -14.12 15.35
N ILE A 351 27.27 -13.80 14.26
CA ILE A 351 27.96 -14.85 13.51
C ILE A 351 29.19 -15.32 14.29
N LEU A 352 29.87 -14.40 14.96
CA LEU A 352 31.08 -14.72 15.69
C LEU A 352 30.83 -15.30 17.08
N VAL A 353 29.65 -15.09 17.66
CA VAL A 353 29.43 -15.46 19.06
C VAL A 353 29.66 -16.97 19.25
N ASP A 354 30.42 -17.31 20.28
CA ASP A 354 30.77 -18.70 20.53
C ASP A 354 30.85 -18.98 22.02
N ASP A 355 31.90 -18.47 22.69
CA ASP A 355 32.19 -18.77 24.08
C ASP A 355 31.91 -17.62 25.05
N LYS A 356 31.79 -16.39 24.58
CA LYS A 356 31.52 -15.25 25.45
C LYS A 356 30.84 -14.16 24.63
N PRO A 357 30.15 -13.21 25.28
CA PRO A 357 29.43 -12.16 24.53
C PRO A 357 30.36 -11.39 23.59
N VAL A 358 29.78 -10.92 22.49
CA VAL A 358 30.48 -10.08 21.53
C VAL A 358 29.75 -8.75 21.44
N ILE A 359 30.49 -7.65 21.50
CA ILE A 359 29.94 -6.30 21.34
C ILE A 359 30.66 -5.61 20.21
N GLY A 360 29.94 -5.29 19.15
CA GLY A 360 30.47 -4.47 18.07
C GLY A 360 30.06 -3.01 18.23
N TYR A 361 30.64 -2.16 17.38
CA TYR A 361 30.24 -0.76 17.35
C TYR A 361 30.74 -0.10 16.07
N HIS A 362 30.08 0.99 15.70
CA HIS A 362 30.53 1.88 14.64
C HIS A 362 30.40 3.32 15.12
N ILE A 363 31.30 4.18 14.65
CA ILE A 363 31.31 5.59 15.04
C ILE A 363 30.58 6.39 13.96
N GLU A 364 29.52 7.08 14.36
CA GLU A 364 28.65 7.83 13.44
C GLU A 364 28.61 9.29 13.90
N GLY A 365 29.60 10.07 13.48
CA GLY A 365 29.71 11.44 13.93
C GLY A 365 30.44 11.55 15.25
N ASP A 366 29.78 12.10 16.26
CA ASP A 366 30.35 12.29 17.59
C ASP A 366 30.05 11.13 18.54
N ILE A 367 29.53 10.03 18.02
CA ILE A 367 28.86 9.00 18.81
C ILE A 367 29.32 7.62 18.37
N ALA A 368 29.24 6.66 19.29
CA ALA A 368 29.49 5.25 18.98
C ALA A 368 28.27 4.44 19.39
N LYS A 369 27.77 3.63 18.46
CA LYS A 369 26.58 2.81 18.67
C LYS A 369 26.97 1.34 18.66
N PHE A 370 26.51 0.59 19.67
CA PHE A 370 27.00 -0.75 19.98
C PHE A 370 25.93 -1.81 19.77
N SER A 371 26.38 -3.04 19.53
CA SER A 371 25.49 -4.20 19.38
C SER A 371 26.11 -5.39 20.11
N ALA A 372 25.51 -5.77 21.24
CA ALA A 372 26.00 -6.87 22.08
C ALA A 372 25.18 -8.12 21.83
N ARG A 373 25.84 -9.24 21.57
CA ARG A 373 25.14 -10.51 21.38
C ARG A 373 25.76 -11.58 22.26
N GLY A 374 24.89 -12.37 22.89
CA GLY A 374 25.28 -13.62 23.53
C GLY A 374 24.58 -14.78 22.85
N ASN A 375 24.42 -15.89 23.56
CA ASN A 375 23.60 -17.01 23.12
C ASN A 375 22.71 -17.44 24.28
N ARG A 376 21.77 -18.36 24.01
CA ARG A 376 20.90 -18.85 25.07
C ARG A 376 21.66 -19.70 26.07
N ASP A 377 22.86 -20.15 25.73
CA ASP A 377 23.73 -20.79 26.72
C ASP A 377 24.21 -19.78 27.77
N LEU A 378 24.54 -18.57 27.35
CA LEU A 378 25.09 -17.56 28.25
C LEU A 378 24.02 -16.83 29.06
N VAL A 379 22.80 -16.68 28.53
CA VAL A 379 21.74 -16.12 29.35
C VAL A 379 21.27 -17.16 30.36
N ASN A 380 21.44 -18.45 30.03
CA ASN A 380 21.19 -19.52 30.98
C ASN A 380 22.01 -19.31 32.26
N ARG A 381 23.31 -19.02 32.10
CA ARG A 381 24.18 -18.72 33.23
C ARG A 381 24.11 -17.25 33.66
N GLY A 382 23.03 -16.55 33.30
CA GLY A 382 22.73 -15.23 33.83
C GLY A 382 23.38 -14.05 33.12
N LEU A 383 23.28 -13.98 31.79
CA LEU A 383 23.90 -12.86 31.10
C LEU A 383 23.07 -11.59 31.26
N ASN A 384 21.97 -11.49 30.50
CA ASN A 384 21.20 -10.24 30.40
C ASN A 384 22.07 -9.05 30.02
N LEU A 385 22.27 -8.87 28.71
CA LEU A 385 22.97 -7.70 28.19
C LEU A 385 22.16 -6.42 28.35
N SER A 386 20.85 -6.51 28.64
CA SER A 386 20.06 -5.29 28.87
C SER A 386 20.49 -4.57 30.14
N VAL A 387 20.86 -5.33 31.18
CA VAL A 387 21.40 -4.71 32.38
C VAL A 387 22.83 -4.24 32.15
N ALA A 388 23.60 -4.96 31.33
CA ALA A 388 25.00 -4.62 31.10
C ALA A 388 25.13 -3.37 30.24
N MET A 389 24.33 -3.24 29.17
CA MET A 389 24.46 -2.12 28.25
C MET A 389 23.72 -0.87 28.70
N ALA A 390 22.88 -0.97 29.73
CA ALA A 390 22.19 0.20 30.28
C ALA A 390 23.14 1.14 31.02
N VAL A 391 24.39 0.72 31.25
CA VAL A 391 25.37 1.51 31.98
C VAL A 391 25.92 2.62 31.09
N ALA A 392 25.37 2.77 29.87
CA ALA A 392 25.65 3.96 29.08
C ALA A 392 25.09 5.21 29.75
N LYS A 393 24.13 5.04 30.68
CA LYS A 393 23.69 6.14 31.52
C LYS A 393 24.86 6.78 32.27
N GLU A 394 25.80 5.95 32.74
CA GLU A 394 27.01 6.46 33.38
C GLU A 394 27.91 7.24 32.44
N PHE A 395 27.67 7.21 31.13
CA PHE A 395 28.57 7.83 30.15
C PHE A 395 27.82 8.79 29.23
N GLY A 396 26.78 9.42 29.73
CA GLY A 396 26.04 10.41 28.96
C GLY A 396 25.17 9.85 27.86
N GLY A 397 24.63 8.64 28.04
CA GLY A 397 23.75 8.04 27.06
C GLY A 397 22.75 7.08 27.68
N ASN A 398 22.40 6.03 26.92
CA ASN A 398 21.38 5.10 27.36
C ASN A 398 21.69 3.72 26.78
N GLY A 399 21.00 2.71 27.31
CA GLY A 399 21.16 1.35 26.84
C GLY A 399 20.02 0.48 27.29
N GLY A 400 19.88 -0.65 26.60
CA GLY A 400 18.81 -1.59 26.88
C GLY A 400 18.57 -2.52 25.72
N GLY A 401 17.61 -3.42 25.93
CA GLY A 401 17.20 -4.41 24.94
C GLY A 401 16.70 -5.68 25.62
N HIS A 402 17.00 -6.82 25.00
CA HIS A 402 16.71 -8.11 25.59
C HIS A 402 17.93 -8.63 26.36
N ASP A 403 17.71 -9.74 27.06
CA ASP A 403 18.81 -10.35 27.81
C ASP A 403 19.90 -10.90 26.89
N VAL A 404 19.51 -11.41 25.71
CA VAL A 404 20.46 -12.07 24.81
C VAL A 404 21.01 -11.12 23.75
N ALA A 405 20.43 -9.94 23.57
CA ALA A 405 20.91 -9.00 22.56
C ALA A 405 20.46 -7.59 22.92
N SER A 406 21.40 -6.66 23.00
CA SER A 406 21.11 -5.28 23.40
C SER A 406 22.04 -4.32 22.68
N GLY A 407 21.75 -3.03 22.84
CA GLY A 407 22.57 -1.98 22.28
C GLY A 407 22.87 -0.90 23.31
N ALA A 408 23.61 0.10 22.86
CA ALA A 408 23.96 1.26 23.67
C ALA A 408 24.54 2.31 22.74
N VAL A 409 24.53 3.57 23.20
CA VAL A 409 25.04 4.68 22.40
C VAL A 409 25.88 5.63 23.26
N VAL A 410 26.54 6.57 22.56
CA VAL A 410 27.54 7.58 22.98
C VAL A 410 28.72 7.00 23.77
N SER A 411 29.92 7.54 23.55
CA SER A 411 30.21 8.63 22.60
C SER A 411 31.60 8.53 21.97
N LYS A 412 32.59 9.05 22.66
CA LYS A 412 34.00 8.85 22.31
C LYS A 412 34.75 8.19 23.45
N ASP A 413 34.04 7.78 24.52
CA ASP A 413 34.58 6.99 25.62
C ASP A 413 34.33 5.50 25.41
N LYS A 414 34.48 5.02 24.18
CA LYS A 414 34.13 3.64 23.86
C LYS A 414 34.89 2.67 24.76
N VAL A 415 36.19 2.91 24.96
CA VAL A 415 37.01 1.96 25.71
C VAL A 415 36.67 2.02 27.21
N GLN A 416 36.48 3.23 27.75
CA GLN A 416 36.07 3.36 29.14
C GLN A 416 34.74 2.68 29.39
N GLU A 417 33.78 2.91 28.49
CA GLU A 417 32.45 2.32 28.66
C GLU A 417 32.43 0.84 28.29
N PHE A 418 33.32 0.40 27.39
CA PHE A 418 33.45 -1.03 27.07
C PHE A 418 33.76 -1.86 28.31
N LEU A 419 34.75 -1.44 29.10
CA LEU A 419 35.16 -2.30 30.19
C LEU A 419 34.35 -2.13 31.46
N LYS A 420 33.48 -1.13 31.53
CA LYS A 420 32.41 -1.14 32.53
C LYS A 420 31.34 -2.17 32.16
N ARG A 421 31.29 -2.60 30.91
CA ARG A 421 30.39 -3.66 30.49
C ARG A 421 30.98 -5.07 30.71
N VAL A 422 32.30 -5.28 30.52
CA VAL A 422 32.88 -6.59 30.83
C VAL A 422 32.81 -6.84 32.34
N ASP A 423 32.84 -5.77 33.13
CA ASP A 423 32.68 -5.89 34.57
C ASP A 423 31.36 -6.56 34.90
N GLU A 424 30.25 -5.92 34.52
CA GLU A 424 28.92 -6.43 34.85
C GLU A 424 28.73 -7.86 34.34
N ILE A 425 29.34 -8.19 33.22
CA ILE A 425 29.08 -9.47 32.59
C ILE A 425 29.68 -10.64 33.38
N ILE A 426 30.60 -10.39 34.32
CA ILE A 426 31.07 -11.44 35.22
C ILE A 426 30.37 -11.39 36.57
N GLY A 427 30.10 -10.17 37.08
CA GLY A 427 29.13 -10.05 38.15
C GLY A 427 27.82 -10.72 37.79
N GLU A 428 27.47 -10.73 36.50
CA GLU A 428 26.31 -11.47 36.02
C GLU A 428 26.64 -12.96 35.79
N GLN A 429 27.85 -13.26 35.33
CA GLN A 429 28.26 -14.66 35.13
C GLN A 429 28.41 -15.38 36.46
N MET B 1 3.53 13.52 -31.87
CA MET B 1 3.17 12.93 -30.59
C MET B 1 4.43 12.59 -29.76
N MET B 2 5.45 12.00 -30.40
CA MET B 2 6.74 11.94 -29.76
C MET B 2 7.30 13.33 -29.47
N GLU B 3 6.86 14.34 -30.23
CA GLU B 3 7.32 15.69 -29.95
C GLU B 3 6.55 16.30 -28.77
N LYS B 4 5.24 16.02 -28.64
CA LYS B 4 4.53 16.53 -27.47
C LYS B 4 5.04 15.88 -26.18
N LEU B 5 5.28 14.56 -26.20
CA LEU B 5 5.93 13.90 -25.06
C LEU B 5 7.27 14.54 -24.73
N LYS B 6 8.04 14.93 -25.75
CA LYS B 6 9.34 15.56 -25.51
C LYS B 6 9.20 16.89 -24.78
N GLU B 7 8.15 17.67 -25.08
CA GLU B 7 7.90 18.87 -24.29
C GLU B 7 7.39 18.55 -22.88
N ILE B 8 6.64 17.46 -22.72
CA ILE B 8 6.16 17.12 -21.38
C ILE B 8 7.30 16.54 -20.54
N GLU B 9 8.26 15.84 -21.18
CA GLU B 9 9.38 15.25 -20.47
C GLU B 9 10.19 16.29 -19.72
N LYS B 10 10.22 17.52 -20.23
CA LYS B 10 10.92 18.58 -19.52
C LYS B 10 10.32 18.76 -18.14
N VAL B 11 8.99 18.65 -18.04
CA VAL B 11 8.38 18.83 -16.75
C VAL B 11 8.42 17.53 -15.94
N THR B 12 8.23 16.36 -16.57
CA THR B 12 8.28 15.14 -15.79
C THR B 12 9.68 14.87 -15.23
N LYS B 13 10.73 15.23 -15.97
CA LYS B 13 12.09 15.04 -15.44
C LYS B 13 12.33 15.95 -14.23
N ALA B 14 11.86 17.19 -14.30
CA ALA B 14 12.01 18.07 -13.15
C ALA B 14 11.25 17.55 -11.93
N ILE B 15 10.06 16.94 -12.16
CA ILE B 15 9.30 16.35 -11.06
C ILE B 15 10.06 15.19 -10.47
N LYS B 16 10.60 14.32 -11.33
CA LYS B 16 11.41 13.18 -10.88
C LYS B 16 12.54 13.64 -9.97
N GLU B 17 13.27 14.68 -10.39
CA GLU B 17 14.42 15.12 -9.59
C GLU B 17 13.95 15.77 -8.29
N LYS B 18 12.84 16.51 -8.32
CA LYS B 18 12.31 17.10 -7.10
C LYS B 18 11.95 16.03 -6.07
N ILE B 19 11.35 14.92 -6.52
CA ILE B 19 11.00 13.84 -5.59
C ILE B 19 12.25 13.13 -5.09
N LEU B 20 13.21 12.82 -5.99
CA LEU B 20 14.37 12.03 -5.61
C LEU B 20 15.25 12.76 -4.59
N ASN B 21 15.39 14.07 -4.75
CA ASN B 21 16.22 14.89 -3.87
C ASN B 21 15.50 15.33 -2.60
N HIS B 22 14.24 14.96 -2.40
CA HIS B 22 13.55 15.35 -1.18
C HIS B 22 13.64 14.23 -0.15
N TYR B 23 14.03 14.57 1.07
CA TYR B 23 14.20 13.55 2.09
C TYR B 23 13.32 13.74 3.33
N GLY B 24 12.50 14.78 3.39
CA GLY B 24 11.53 14.93 4.46
C GLY B 24 10.22 14.19 4.22
N TYR B 25 9.22 14.55 5.02
CA TYR B 25 7.90 13.95 4.86
C TYR B 25 7.31 14.32 3.51
N ILE B 26 6.56 13.37 2.92
CA ILE B 26 5.81 13.60 1.69
C ILE B 26 4.33 13.38 1.95
N ARG B 27 3.51 14.38 1.62
CA ARG B 27 2.06 14.31 1.75
C ARG B 27 1.45 14.20 0.36
N VAL B 28 0.65 13.15 0.15
CA VAL B 28 -0.11 12.96 -1.09
C VAL B 28 -1.58 13.22 -0.80
N ILE B 29 -2.20 14.10 -1.58
CA ILE B 29 -3.61 14.42 -1.46
C ILE B 29 -4.23 14.11 -2.81
N THR B 30 -5.23 13.22 -2.81
CA THR B 30 -5.89 12.84 -4.04
C THR B 30 -7.41 12.86 -3.82
N HIS B 31 -8.12 12.59 -4.90
CA HIS B 31 -9.57 12.65 -4.96
C HIS B 31 -10.14 11.25 -4.75
N HIS B 32 -11.44 11.19 -4.48
CA HIS B 32 -12.05 9.92 -4.11
C HIS B 32 -12.75 9.20 -5.26
N ASP B 33 -12.79 9.79 -6.47
CA ASP B 33 -13.39 9.08 -7.59
C ASP B 33 -12.39 8.08 -8.15
N THR B 34 -12.82 7.35 -9.19
CA THR B 34 -11.97 6.29 -9.75
C THR B 34 -10.62 6.82 -10.22
N ASP B 35 -10.60 7.96 -10.91
CA ASP B 35 -9.37 8.56 -11.38
C ASP B 35 -8.46 8.95 -10.21
N GLY B 36 -9.04 9.49 -9.13
CA GLY B 36 -8.25 9.86 -7.97
C GLY B 36 -7.69 8.65 -7.21
N LEU B 37 -8.51 7.61 -7.01
CA LEU B 37 -7.98 6.43 -6.32
C LEU B 37 -6.90 5.75 -7.14
N SER B 38 -7.08 5.68 -8.46
CA SER B 38 -6.04 5.11 -9.33
C SER B 38 -4.76 5.95 -9.27
N SER B 39 -4.91 7.28 -9.23
CA SER B 39 -3.74 8.16 -9.10
C SER B 39 -3.03 7.88 -7.78
N GLY B 40 -3.79 7.79 -6.69
CA GLY B 40 -3.21 7.43 -5.41
C GLY B 40 -2.42 6.14 -5.47
N GLY B 41 -2.95 5.15 -6.19
CA GLY B 41 -2.27 3.86 -6.26
C GLY B 41 -1.00 3.91 -7.11
N ILE B 42 -1.04 4.67 -8.21
CA ILE B 42 0.19 4.89 -8.99
C ILE B 42 1.24 5.57 -8.12
N LEU B 43 0.85 6.65 -7.44
CA LEU B 43 1.82 7.41 -6.66
C LEU B 43 2.37 6.58 -5.50
N ALA B 44 1.51 5.81 -4.83
CA ALA B 44 1.96 4.97 -3.72
C ALA B 44 3.02 3.97 -4.17
N LYS B 45 2.79 3.29 -5.30
CA LYS B 45 3.78 2.33 -5.81
C LYS B 45 5.07 3.06 -6.19
N MET B 46 4.94 4.16 -6.93
CA MET B 46 6.11 4.89 -7.40
C MET B 46 6.96 5.42 -6.24
N LEU B 47 6.31 5.92 -5.19
CA LEU B 47 7.03 6.47 -4.05
C LEU B 47 7.73 5.36 -3.26
N MET B 48 7.00 4.26 -2.97
CA MET B 48 7.63 3.12 -2.33
C MET B 48 8.84 2.63 -3.09
N ARG B 49 8.73 2.55 -4.42
CA ARG B 49 9.82 2.03 -5.22
C ARG B 49 11.06 2.93 -5.17
N THR B 50 10.86 4.24 -4.99
CA THR B 50 11.97 5.18 -4.94
C THR B 50 12.39 5.45 -3.50
N ASN B 51 11.94 4.59 -2.57
CA ASN B 51 12.30 4.63 -1.17
C ASN B 51 11.82 5.90 -0.48
N LYS B 52 10.58 6.33 -0.78
CA LYS B 52 9.97 7.47 -0.09
C LYS B 52 8.80 6.99 0.75
N LEU B 53 8.87 7.22 2.06
CA LEU B 53 7.70 7.06 2.91
C LEU B 53 6.80 8.28 2.72
N PHE B 54 5.50 8.09 2.91
CA PHE B 54 4.56 9.15 2.56
C PHE B 54 3.28 8.99 3.37
N HIS B 55 2.58 10.12 3.54
CA HIS B 55 1.28 10.14 4.17
C HIS B 55 0.25 10.50 3.09
N LEU B 56 -0.64 9.57 2.78
CA LEU B 56 -1.63 9.75 1.73
C LEU B 56 -3.00 9.99 2.35
N THR B 57 -3.64 11.06 1.91
CA THR B 57 -4.99 11.44 2.32
C THR B 57 -5.85 11.54 1.07
N VAL B 58 -7.13 11.18 1.19
CA VAL B 58 -8.11 11.27 0.12
C VAL B 58 -9.17 12.26 0.56
N VAL B 59 -9.41 13.29 -0.24
CA VAL B 59 -10.39 14.30 0.13
C VAL B 59 -11.45 14.35 -0.97
N GLU B 60 -12.61 14.89 -0.61
CA GLU B 60 -13.71 14.98 -1.58
C GLU B 60 -13.66 16.27 -2.38
N HIS B 61 -13.26 17.36 -1.74
CA HIS B 61 -13.05 18.62 -2.45
C HIS B 61 -11.90 19.36 -1.78
N LEU B 62 -11.04 19.96 -2.59
CA LEU B 62 -9.91 20.74 -2.09
C LEU B 62 -10.40 22.16 -1.78
N SER B 63 -11.13 22.26 -0.68
CA SER B 63 -11.72 23.54 -0.31
C SER B 63 -10.67 24.46 0.31
N LYS B 64 -11.04 25.74 0.44
CA LYS B 64 -10.21 26.67 1.19
C LYS B 64 -9.96 26.15 2.60
N GLU B 65 -10.99 25.57 3.22
CA GLU B 65 -10.87 25.01 4.56
C GLU B 65 -9.82 23.91 4.60
N VAL B 66 -9.89 22.97 3.64
CA VAL B 66 -8.95 21.85 3.63
C VAL B 66 -7.52 22.35 3.45
N ILE B 67 -7.31 23.29 2.52
CA ILE B 67 -5.96 23.81 2.27
C ILE B 67 -5.44 24.57 3.47
N GLU B 68 -6.34 25.13 4.29
CA GLU B 68 -5.91 25.93 5.45
C GLU B 68 -5.52 25.05 6.64
N LYS B 69 -6.11 23.86 6.81
CA LYS B 69 -5.38 22.81 7.50
C LYS B 69 -4.21 22.48 6.58
N LEU B 70 -3.57 21.33 6.69
CA LEU B 70 -2.49 21.07 5.74
C LEU B 70 -1.40 22.14 5.81
N ALA B 71 -1.77 23.42 5.57
CA ALA B 71 -0.87 24.53 5.83
C ALA B 71 -0.43 24.56 7.28
N LYS B 72 -1.32 24.14 8.20
CA LYS B 72 -0.92 23.99 9.59
C LYS B 72 0.17 22.95 9.77
N GLU B 73 0.15 21.87 8.96
CA GLU B 73 1.24 20.89 9.00
C GLU B 73 2.53 21.43 8.39
N ASN B 74 2.44 22.50 7.60
CA ASN B 74 3.63 23.08 6.98
C ASN B 74 4.58 23.73 7.98
N GLU B 75 4.09 24.12 9.16
CA GLU B 75 4.80 25.08 10.00
C GLU B 75 6.16 24.55 10.47
N VAL B 76 6.17 23.34 11.01
CA VAL B 76 7.41 22.59 11.23
C VAL B 76 7.31 21.26 10.46
N ASN B 77 8.46 20.79 9.97
CA ASN B 77 8.65 19.83 8.87
C ASN B 77 7.81 20.29 7.68
N LYS B 78 8.36 21.16 6.82
CA LYS B 78 7.56 21.61 5.69
C LYS B 78 7.60 20.50 4.64
N PRO B 79 6.58 19.64 4.56
CA PRO B 79 6.69 18.47 3.69
C PRO B 79 6.63 18.88 2.22
N LEU B 80 6.95 17.91 1.37
CA LEU B 80 6.68 18.02 -0.06
C LEU B 80 5.25 17.54 -0.29
N PHE B 81 4.43 18.38 -0.92
CA PHE B 81 3.04 18.05 -1.21
C PHE B 81 2.89 17.64 -2.67
N ILE B 82 2.25 16.49 -2.90
CA ILE B 82 1.87 16.03 -4.23
C ILE B 82 0.35 16.02 -4.27
N PHE B 83 -0.23 16.95 -5.03
CA PHE B 83 -1.66 16.99 -5.27
C PHE B 83 -1.93 16.21 -6.54
N ALA B 84 -2.87 15.27 -6.48
CA ALA B 84 -3.27 14.48 -7.64
C ALA B 84 -4.76 14.63 -7.86
N ASP B 85 -5.16 14.82 -9.12
CA ASP B 85 -6.57 14.90 -9.51
C ASP B 85 -7.26 16.11 -8.92
N MET B 86 -6.49 17.15 -8.62
CA MET B 86 -6.90 18.39 -7.97
C MET B 86 -5.65 19.25 -7.87
N GLY B 87 -5.84 20.51 -7.53
CA GLY B 87 -4.71 21.40 -7.34
C GLY B 87 -4.66 22.54 -8.33
N SER B 88 -4.94 22.26 -9.61
CA SER B 88 -4.88 23.32 -10.61
C SER B 88 -5.98 24.35 -10.35
N GLY B 89 -7.17 23.90 -9.99
CA GLY B 89 -8.25 24.84 -9.74
C GLY B 89 -8.01 25.71 -8.52
N GLN B 90 -7.23 25.21 -7.57
CA GLN B 90 -7.02 25.86 -6.29
C GLN B 90 -5.59 26.41 -6.15
N ILE B 91 -4.89 26.61 -7.26
CA ILE B 91 -3.45 26.89 -7.19
C ILE B 91 -3.17 28.21 -6.49
N GLU B 92 -4.07 29.19 -6.61
CA GLU B 92 -3.86 30.47 -5.96
C GLU B 92 -3.70 30.32 -4.46
N GLU B 93 -4.55 29.50 -3.83
CA GLU B 93 -4.43 29.27 -2.39
C GLU B 93 -3.14 28.54 -2.04
N ILE B 94 -2.73 27.60 -2.90
CA ILE B 94 -1.51 26.83 -2.66
C ILE B 94 -0.27 27.73 -2.73
N ILE B 95 -0.24 28.63 -3.72
CA ILE B 95 0.81 29.65 -3.79
C ILE B 95 0.76 30.53 -2.55
N LYS B 96 -0.45 30.93 -2.15
CA LYS B 96 -0.62 31.85 -1.02
C LYS B 96 0.07 31.32 0.24
N HIS B 97 -0.08 30.03 0.53
CA HIS B 97 0.55 29.47 1.72
C HIS B 97 1.98 28.98 1.47
N ASN B 98 2.53 29.16 0.26
CA ASN B 98 3.94 28.86 -0.03
C ASN B 98 4.29 27.38 0.17
N PHE B 99 3.34 26.49 -0.17
CA PHE B 99 3.63 25.06 -0.18
C PHE B 99 4.83 24.74 -1.07
N ASN B 100 5.64 23.79 -0.63
CA ASN B 100 6.51 23.07 -1.55
C ASN B 100 5.66 21.98 -2.21
N ALA B 101 5.34 22.12 -3.51
CA ALA B 101 4.25 21.31 -4.07
C ALA B 101 4.44 20.89 -5.53
N ILE B 102 3.96 19.68 -5.83
CA ILE B 102 3.79 19.14 -7.17
C ILE B 102 2.30 18.95 -7.40
N ILE B 103 1.77 19.51 -8.50
CA ILE B 103 0.37 19.39 -8.85
C ILE B 103 0.27 18.55 -10.11
N LEU B 104 -0.49 17.45 -10.04
CA LEU B 104 -0.72 16.54 -11.14
C LEU B 104 -2.23 16.55 -11.42
N ASP B 105 -2.64 17.21 -12.49
CA ASP B 105 -4.06 17.54 -12.65
C ASP B 105 -4.36 17.73 -14.12
N HIS B 106 -5.63 17.53 -14.48
CA HIS B 106 -6.05 17.77 -15.84
C HIS B 106 -7.25 18.69 -15.91
N HIS B 107 -7.69 19.23 -14.79
CA HIS B 107 -8.70 20.28 -14.78
C HIS B 107 -8.14 21.54 -15.45
N PRO B 108 -8.97 22.32 -16.17
CA PRO B 108 -8.46 23.54 -16.84
C PRO B 108 -7.74 24.45 -15.85
N PRO B 109 -6.50 24.84 -16.17
CA PRO B 109 -5.69 25.54 -15.17
C PRO B 109 -6.06 27.01 -15.04
N VAL B 110 -5.97 27.49 -13.81
CA VAL B 110 -6.08 28.92 -13.51
C VAL B 110 -4.80 29.64 -13.94
N ILE B 111 -3.64 29.03 -13.70
CA ILE B 111 -2.36 29.56 -14.11
C ILE B 111 -1.72 28.58 -15.10
N LYS B 112 -1.60 28.99 -16.36
CA LYS B 112 -1.11 28.12 -17.43
C LYS B 112 0.43 28.12 -17.48
N ASP B 113 1.04 27.67 -16.38
CA ASP B 113 2.49 27.58 -16.27
C ASP B 113 2.88 26.27 -15.59
N SER B 114 3.90 25.61 -16.12
CA SER B 114 4.44 24.41 -15.49
C SER B 114 5.30 24.73 -14.27
N PHE B 115 6.09 25.80 -14.33
CA PHE B 115 6.93 26.21 -13.22
C PHE B 115 6.38 27.51 -12.65
N ILE B 116 5.93 27.48 -11.39
CA ILE B 116 5.22 28.61 -10.83
C ILE B 116 6.18 29.56 -10.10
N ASN B 117 7.08 29.03 -9.30
CA ASN B 117 8.09 29.88 -8.68
C ASN B 117 9.35 29.05 -8.55
N GLU B 118 9.95 29.00 -7.36
CA GLU B 118 11.03 28.06 -7.12
C GLU B 118 10.54 26.78 -6.46
N ASN B 119 9.32 26.75 -5.93
CA ASN B 119 8.86 25.63 -5.11
C ASN B 119 7.63 24.88 -5.64
N ILE B 120 7.04 25.31 -6.75
CA ILE B 120 5.80 24.67 -7.22
C ILE B 120 5.98 24.25 -8.68
N ILE B 121 5.74 22.96 -8.95
CA ILE B 121 5.68 22.43 -10.31
C ILE B 121 4.26 21.94 -10.58
N GLN B 122 3.71 22.36 -11.72
CA GLN B 122 2.36 21.99 -12.15
C GLN B 122 2.46 21.21 -13.45
N LEU B 123 2.08 19.91 -13.41
CA LEU B 123 1.98 19.07 -14.60
C LEU B 123 0.50 18.99 -14.96
N ASN B 124 0.11 19.71 -16.02
CA ASN B 124 -1.28 19.78 -16.46
C ASN B 124 -1.30 19.84 -17.99
N PRO B 125 -1.97 18.87 -18.64
CA PRO B 125 -1.89 18.76 -20.11
C PRO B 125 -2.36 19.99 -20.86
N HIS B 126 -3.31 20.73 -20.32
CA HIS B 126 -3.78 21.94 -21.00
C HIS B 126 -2.64 22.90 -21.29
N ILE B 127 -1.59 22.90 -20.48
CA ILE B 127 -0.45 23.80 -20.70
C ILE B 127 0.29 23.45 -21.99
N PHE B 128 0.21 22.20 -22.42
CA PHE B 128 0.80 21.75 -23.68
C PHE B 128 -0.21 21.62 -24.80
N GLY B 129 -1.38 22.25 -24.65
CA GLY B 129 -2.41 22.17 -25.67
C GLY B 129 -3.07 20.80 -25.80
N VAL B 130 -3.11 20.02 -24.74
CA VAL B 130 -3.84 18.75 -24.74
C VAL B 130 -5.15 18.95 -23.99
N ASP B 131 -6.25 18.54 -24.61
CA ASP B 131 -7.60 18.66 -24.03
C ASP B 131 -7.74 17.64 -22.90
N GLY B 132 -7.69 18.13 -21.65
CA GLY B 132 -7.86 17.32 -20.45
C GLY B 132 -9.25 16.70 -20.29
N SER B 133 -10.23 17.11 -21.10
CA SER B 133 -11.56 16.51 -21.02
C SER B 133 -11.71 15.28 -21.91
N ARG B 134 -10.77 15.04 -22.81
CA ARG B 134 -10.92 13.94 -23.77
C ARG B 134 -9.64 13.14 -24.01
N GLU B 135 -8.45 13.65 -23.65
CA GLU B 135 -7.23 13.01 -24.11
C GLU B 135 -6.29 12.53 -23.01
N ILE B 136 -6.49 12.93 -21.75
CA ILE B 136 -5.72 12.37 -20.63
C ILE B 136 -6.47 12.64 -19.34
N THR B 137 -6.28 11.76 -18.35
CA THR B 137 -6.87 11.92 -17.02
C THR B 137 -5.78 12.11 -15.97
N ALA B 138 -6.22 12.33 -14.72
CA ALA B 138 -5.26 12.52 -13.64
C ALA B 138 -4.37 11.30 -13.48
N SER B 139 -4.94 10.10 -13.62
CA SER B 139 -4.14 8.90 -13.46
C SER B 139 -3.13 8.75 -14.60
N GLY B 140 -3.48 9.23 -15.81
CA GLY B 140 -2.51 9.26 -16.88
C GLY B 140 -1.39 10.26 -16.62
N VAL B 141 -1.72 11.40 -16.01
CA VAL B 141 -0.71 12.38 -15.65
C VAL B 141 0.25 11.81 -14.62
N CYS B 142 -0.27 11.16 -13.57
CA CYS B 142 0.63 10.48 -12.63
C CYS B 142 1.47 9.42 -13.35
N TYR B 143 0.86 8.70 -14.31
CA TYR B 143 1.61 7.69 -15.05
C TYR B 143 2.76 8.30 -15.84
N LEU B 144 2.56 9.50 -16.41
CA LEU B 144 3.65 10.14 -17.15
C LEU B 144 4.85 10.42 -16.25
N VAL B 145 4.60 10.72 -14.97
CA VAL B 145 5.68 10.81 -13.99
C VAL B 145 6.32 9.44 -13.76
N ALA B 146 5.49 8.42 -13.45
CA ALA B 146 6.03 7.11 -13.14
C ALA B 146 6.91 6.56 -14.27
N ARG B 147 6.57 6.85 -15.52
CA ARG B 147 7.39 6.25 -16.56
C ARG B 147 8.77 6.87 -16.67
N GLU B 148 9.01 8.03 -16.02
CA GLU B 148 10.38 8.52 -15.95
C GLU B 148 11.26 7.63 -15.08
N PHE B 149 10.65 6.82 -14.22
CA PHE B 149 11.39 5.80 -13.50
C PHE B 149 11.35 4.44 -14.21
N GLY B 150 10.70 4.35 -15.36
CA GLY B 150 10.54 3.08 -16.05
C GLY B 150 9.53 2.12 -15.44
N TYR B 151 8.60 2.61 -14.61
CA TYR B 151 7.54 1.78 -14.06
C TYR B 151 6.36 1.67 -15.05
N TYR B 152 6.62 0.96 -16.16
CA TYR B 152 5.57 0.74 -17.16
C TYR B 152 4.44 -0.15 -16.66
N ASP B 153 4.68 -0.97 -15.64
CA ASP B 153 3.60 -1.82 -15.10
C ASP B 153 2.47 -0.99 -14.47
N LEU B 154 2.71 0.27 -14.13
CA LEU B 154 1.66 1.12 -13.57
C LEU B 154 0.73 1.68 -14.62
N SER B 155 1.05 1.49 -15.90
CA SER B 155 0.11 1.83 -16.96
C SER B 155 -1.28 1.20 -16.75
N VAL B 156 -1.39 0.05 -16.05
CA VAL B 156 -2.70 -0.58 -15.88
C VAL B 156 -3.62 0.29 -15.05
N LEU B 157 -3.08 1.05 -14.08
CA LEU B 157 -3.92 1.96 -13.31
C LEU B 157 -4.25 3.23 -14.06
N ALA B 158 -3.38 3.68 -14.96
CA ALA B 158 -3.76 4.80 -15.81
C ALA B 158 -4.99 4.44 -16.66
N ILE B 159 -5.03 3.22 -17.18
CA ILE B 159 -6.17 2.76 -17.98
C ILE B 159 -7.45 2.76 -17.16
N VAL B 160 -7.35 2.31 -15.91
CA VAL B 160 -8.50 2.36 -15.00
C VAL B 160 -9.03 3.78 -14.87
N GLY B 161 -8.14 4.77 -14.72
CA GLY B 161 -8.60 6.15 -14.66
C GLY B 161 -9.24 6.64 -15.96
N ILE B 162 -8.70 6.19 -17.09
CA ILE B 162 -9.31 6.50 -18.40
C ILE B 162 -10.75 6.01 -18.46
N ILE B 163 -11.01 4.80 -17.95
CA ILE B 163 -12.38 4.29 -17.95
C ILE B 163 -13.24 5.09 -16.98
N GLY B 164 -12.74 5.28 -15.76
CA GLY B 164 -13.51 5.98 -14.75
C GLY B 164 -13.94 7.38 -15.17
N ASP B 165 -13.14 8.05 -15.98
CA ASP B 165 -13.47 9.40 -16.45
C ASP B 165 -14.12 9.41 -17.84
N MET B 166 -14.49 8.25 -18.37
CA MET B 166 -15.24 8.18 -19.62
C MET B 166 -14.46 8.77 -20.79
N GLN B 167 -13.17 8.45 -20.87
CA GLN B 167 -12.34 8.89 -21.99
C GLN B 167 -11.90 7.74 -22.86
N TYR B 168 -12.60 6.59 -22.78
CA TYR B 168 -12.16 5.41 -23.51
C TYR B 168 -12.76 5.30 -24.90
N ASN B 169 -13.81 6.07 -25.24
CA ASN B 169 -14.45 5.96 -26.55
C ASN B 169 -14.87 7.36 -27.04
N PRO B 170 -14.11 7.96 -27.96
CA PRO B 170 -12.93 7.38 -28.58
C PRO B 170 -11.69 7.52 -27.68
N LEU B 171 -10.69 6.69 -27.93
CA LEU B 171 -9.41 6.75 -27.25
C LEU B 171 -8.50 7.70 -28.02
N LEU B 172 -8.14 8.83 -27.41
CA LEU B 172 -7.46 9.92 -28.11
C LEU B 172 -6.11 10.25 -27.47
N GLY B 173 -5.19 10.73 -28.31
CA GLY B 173 -4.03 11.48 -27.85
C GLY B 173 -3.16 10.72 -26.86
N LEU B 174 -2.86 11.38 -25.74
CA LEU B 174 -1.99 10.77 -24.74
C LEU B 174 -2.59 9.46 -24.20
N ASN B 175 -3.92 9.42 -23.99
CA ASN B 175 -4.57 8.19 -23.54
C ASN B 175 -4.28 7.04 -24.48
N LYS B 176 -4.37 7.32 -25.78
CA LYS B 176 -4.09 6.31 -26.80
C LYS B 176 -2.63 5.91 -26.79
N PHE B 177 -1.74 6.86 -26.55
CA PHE B 177 -0.32 6.50 -26.42
C PHE B 177 -0.10 5.61 -25.21
N ILE B 178 -0.75 5.94 -24.09
CA ILE B 178 -0.59 5.15 -22.86
C ILE B 178 -1.04 3.71 -23.09
N VAL B 179 -2.23 3.52 -23.66
CA VAL B 179 -2.73 2.17 -23.92
C VAL B 179 -1.79 1.42 -24.84
N ASN B 180 -1.29 2.08 -25.90
CA ASN B 180 -0.36 1.43 -26.81
C ASN B 180 0.91 1.00 -26.10
N GLU B 181 1.50 1.88 -25.30
CA GLU B 181 2.67 1.50 -24.51
C GLU B 181 2.36 0.30 -23.62
N ALA B 182 1.23 0.33 -22.91
CA ALA B 182 0.87 -0.80 -22.05
C ALA B 182 0.75 -2.09 -22.85
N ARG B 183 0.22 -2.01 -24.07
CA ARG B 183 0.09 -3.21 -24.87
C ARG B 183 1.44 -3.69 -25.38
N GLU B 184 2.28 -2.75 -25.82
CA GLU B 184 3.64 -3.11 -26.27
C GLU B 184 4.38 -3.89 -25.20
N TYR B 185 4.31 -3.44 -23.95
CA TYR B 185 4.98 -4.10 -22.84
C TYR B 185 4.16 -5.23 -22.25
N ARG B 186 2.98 -5.52 -22.81
CA ARG B 186 2.13 -6.67 -22.48
C ARG B 186 1.58 -6.59 -21.05
N TYR B 187 1.23 -5.39 -20.62
CA TYR B 187 0.46 -5.19 -19.40
C TYR B 187 -1.04 -5.12 -19.67
N VAL B 188 -1.46 -5.09 -20.93
CA VAL B 188 -2.87 -5.05 -21.29
C VAL B 188 -3.06 -5.79 -22.61
N LYS B 189 -4.16 -6.51 -22.72
CA LYS B 189 -4.64 -7.07 -23.98
C LYS B 189 -6.01 -6.47 -24.26
N ILE B 190 -6.26 -6.15 -25.54
CA ILE B 190 -7.48 -5.47 -25.96
C ILE B 190 -8.33 -6.42 -26.79
N MET B 191 -9.62 -6.45 -26.50
CA MET B 191 -10.54 -7.46 -27.03
C MET B 191 -11.92 -6.85 -27.16
N ASN B 192 -12.45 -6.75 -28.38
CA ASN B 192 -13.85 -6.35 -28.52
C ASN B 192 -14.76 -7.46 -27.97
N ASP B 193 -15.78 -7.06 -27.23
CA ASP B 193 -16.60 -8.02 -26.49
C ASP B 193 -17.90 -7.34 -26.08
N ILE B 194 -18.79 -8.12 -25.53
CA ILE B 194 -20.04 -7.58 -25.03
C ILE B 194 -19.85 -7.12 -23.58
N VAL B 195 -20.57 -6.06 -23.21
CA VAL B 195 -20.39 -5.45 -21.88
C VAL B 195 -20.67 -6.42 -20.74
N TYR B 196 -21.64 -7.33 -20.89
CA TYR B 196 -21.96 -8.27 -19.81
C TYR B 196 -20.80 -9.23 -19.50
N ASN B 197 -19.88 -9.45 -20.43
CA ASN B 197 -18.78 -10.35 -20.13
C ASN B 197 -17.72 -9.76 -19.18
N ILE B 198 -17.78 -8.46 -18.85
CA ILE B 198 -16.73 -7.92 -17.98
C ILE B 198 -16.88 -8.33 -16.52
N TYR B 199 -18.06 -8.81 -16.10
CA TYR B 199 -18.33 -8.98 -14.67
C TYR B 199 -17.92 -10.34 -14.12
N ASP B 200 -17.71 -11.33 -14.99
CA ASP B 200 -17.45 -12.71 -14.57
C ASP B 200 -18.42 -13.22 -13.49
N VAL B 201 -19.71 -12.90 -13.62
CA VAL B 201 -20.75 -13.48 -12.78
C VAL B 201 -21.76 -14.12 -13.71
N GLU B 202 -22.76 -14.79 -13.12
CA GLU B 202 -23.87 -15.32 -13.91
C GLU B 202 -24.46 -14.25 -14.81
N ILE B 203 -24.54 -14.56 -16.10
CA ILE B 203 -24.95 -13.55 -17.09
C ILE B 203 -26.31 -12.96 -16.75
N TYR B 204 -27.21 -13.72 -16.11
CA TYR B 204 -28.51 -13.09 -15.86
C TYR B 204 -28.39 -12.02 -14.78
N LYS B 205 -27.42 -12.16 -13.89
CA LYS B 205 -27.14 -11.12 -12.91
C LYS B 205 -26.37 -9.96 -13.53
N ALA B 206 -25.43 -10.24 -14.44
CA ALA B 206 -24.76 -9.16 -15.16
C ALA B 206 -25.77 -8.29 -15.88
N ILE B 207 -26.73 -8.90 -16.58
CA ILE B 207 -27.75 -8.11 -17.28
C ILE B 207 -28.64 -7.41 -16.29
N ALA B 208 -29.10 -8.11 -15.25
CA ALA B 208 -30.06 -7.54 -14.31
C ALA B 208 -29.58 -6.22 -13.72
N TYR B 209 -28.29 -6.10 -13.39
CA TYR B 209 -27.79 -4.94 -12.65
C TYR B 209 -26.92 -4.02 -13.49
N CYS B 210 -26.94 -4.18 -14.81
CA CYS B 210 -26.16 -3.31 -15.68
C CYS B 210 -26.77 -1.91 -15.77
N THR B 211 -25.93 -0.89 -15.71
CA THR B 211 -26.38 0.48 -15.95
C THR B 211 -25.64 1.14 -17.12
N LYS B 212 -24.87 0.37 -17.88
CA LYS B 212 -24.20 0.87 -19.09
C LYS B 212 -24.32 -0.15 -20.20
N PRO B 213 -25.47 -0.22 -20.86
CA PRO B 213 -26.67 0.58 -20.65
C PRO B 213 -27.62 -0.01 -19.62
N TYR B 214 -28.48 0.83 -19.07
CA TYR B 214 -29.61 0.36 -18.27
C TYR B 214 -30.76 0.01 -19.21
N ILE B 215 -31.26 -1.22 -19.10
CA ILE B 215 -32.40 -1.67 -19.89
C ILE B 215 -33.53 -2.01 -18.93
N PRO B 216 -34.49 -1.09 -18.76
CA PRO B 216 -35.51 -1.26 -17.71
C PRO B 216 -36.23 -2.58 -17.77
N ASP B 217 -36.61 -3.02 -18.97
CA ASP B 217 -37.36 -4.27 -19.11
C ASP B 217 -36.55 -5.49 -18.67
N LEU B 218 -35.23 -5.37 -18.54
CA LEU B 218 -34.40 -6.52 -18.20
C LEU B 218 -33.78 -6.39 -16.83
N ALA B 219 -34.14 -5.35 -16.09
CA ALA B 219 -33.38 -4.96 -14.89
C ALA B 219 -33.87 -5.70 -13.66
N SER B 220 -34.01 -7.02 -13.76
CA SER B 220 -34.28 -7.85 -12.59
C SER B 220 -33.80 -9.25 -12.92
N GLU B 221 -33.41 -9.99 -11.88
CA GLU B 221 -32.92 -11.33 -12.09
C GLU B 221 -33.97 -12.16 -12.83
N GLY B 222 -35.24 -12.00 -12.46
CA GLY B 222 -36.28 -12.81 -13.08
C GLY B 222 -36.44 -12.55 -14.56
N LYS B 223 -36.55 -11.28 -14.95
CA LYS B 223 -36.74 -10.96 -16.36
C LYS B 223 -35.51 -11.29 -17.20
N ALA B 224 -34.30 -11.08 -16.63
CA ALA B 224 -33.09 -11.42 -17.35
C ALA B 224 -32.95 -12.92 -17.50
N PHE B 225 -33.21 -13.68 -16.42
CA PHE B 225 -33.21 -15.14 -16.51
C PHE B 225 -34.15 -15.60 -17.62
N LYS B 226 -35.39 -15.10 -17.61
CA LYS B 226 -36.39 -15.58 -18.55
C LYS B 226 -36.02 -15.22 -19.99
N PHE B 227 -35.52 -14.00 -20.19
CA PHE B 227 -35.05 -13.58 -21.51
C PHE B 227 -33.96 -14.49 -22.03
N LEU B 228 -32.99 -14.85 -21.19
CA LEU B 228 -31.90 -15.71 -21.66
C LEU B 228 -32.38 -17.14 -21.92
N LYS B 229 -33.24 -17.67 -21.04
CA LYS B 229 -33.80 -18.99 -21.27
C LYS B 229 -34.50 -19.05 -22.63
N ASP B 230 -35.29 -18.02 -22.95
CA ASP B 230 -36.10 -18.01 -24.17
C ASP B 230 -35.25 -18.08 -25.44
N ILE B 231 -34.10 -17.40 -25.46
CA ILE B 231 -33.27 -17.43 -26.65
C ILE B 231 -32.24 -18.54 -26.59
N GLY B 232 -32.36 -19.45 -25.64
CA GLY B 232 -31.53 -20.63 -25.63
C GLY B 232 -30.11 -20.44 -25.14
N ILE B 233 -29.90 -19.52 -24.20
CA ILE B 233 -28.60 -19.33 -23.56
C ILE B 233 -28.70 -19.77 -22.12
N ASP B 234 -27.72 -20.52 -21.65
CA ASP B 234 -27.71 -20.96 -20.26
C ASP B 234 -27.51 -19.73 -19.37
N PRO B 235 -28.50 -19.34 -18.56
CA PRO B 235 -28.38 -18.07 -17.81
C PRO B 235 -27.31 -18.09 -16.75
N ASN B 236 -26.87 -19.27 -16.29
CA ASN B 236 -25.88 -19.39 -15.22
C ASN B 236 -24.45 -19.38 -15.71
N LYS B 237 -24.20 -19.49 -17.01
CA LYS B 237 -22.81 -19.37 -17.44
C LYS B 237 -22.31 -17.94 -17.18
N LYS B 238 -20.99 -17.79 -17.15
CA LYS B 238 -20.39 -16.54 -16.71
C LYS B 238 -19.75 -15.77 -17.83
N GLN B 239 -19.65 -16.36 -19.03
CA GLN B 239 -19.15 -15.68 -20.22
C GLN B 239 -20.03 -16.09 -21.40
N LEU B 240 -20.46 -15.12 -22.17
CA LEU B 240 -21.16 -15.40 -23.42
C LEU B 240 -20.14 -15.62 -24.52
N ASP B 241 -20.28 -16.73 -25.25
CA ASP B 241 -19.42 -16.96 -26.41
C ASP B 241 -20.04 -16.29 -27.65
N ASP B 242 -19.39 -16.50 -28.81
CA ASP B 242 -19.80 -15.78 -30.03
C ASP B 242 -21.22 -16.12 -30.44
N THR B 243 -21.59 -17.40 -30.36
CA THR B 243 -22.95 -17.79 -30.68
C THR B 243 -23.94 -17.16 -29.70
N ASP B 244 -23.67 -17.24 -28.40
CA ASP B 244 -24.52 -16.56 -27.41
C ASP B 244 -24.69 -15.08 -27.73
N LYS B 245 -23.61 -14.39 -28.11
CA LYS B 245 -23.70 -12.94 -28.31
C LYS B 245 -24.55 -12.60 -29.53
N LYS B 246 -24.38 -13.31 -30.65
CA LYS B 246 -25.25 -13.07 -31.79
C LYS B 246 -26.71 -13.26 -31.41
N LYS B 247 -27.02 -14.34 -30.70
CA LYS B 247 -28.42 -14.58 -30.30
C LYS B 247 -28.90 -13.53 -29.34
N LEU B 248 -28.07 -13.13 -28.38
CA LEU B 248 -28.47 -12.08 -27.45
C LEU B 248 -28.73 -10.78 -28.21
N LEU B 249 -27.80 -10.39 -29.07
CA LEU B 249 -27.93 -9.08 -29.71
C LEU B 249 -29.09 -9.07 -30.68
N SER B 250 -29.28 -10.16 -31.43
CA SER B 250 -30.43 -10.23 -32.33
C SER B 250 -31.73 -10.04 -31.55
N ALA B 251 -31.83 -10.64 -30.35
CA ALA B 251 -33.08 -10.55 -29.59
C ALA B 251 -33.20 -9.22 -28.86
N ILE B 252 -32.08 -8.67 -28.36
CA ILE B 252 -32.21 -7.53 -27.46
C ILE B 252 -32.53 -6.21 -28.18
N ILE B 253 -32.18 -6.10 -29.46
CA ILE B 253 -32.41 -4.87 -30.21
C ILE B 253 -33.88 -4.43 -30.15
N PHE B 254 -34.80 -5.37 -29.91
CA PHE B 254 -36.21 -5.01 -29.82
C PHE B 254 -36.56 -4.33 -28.50
N LYS B 255 -35.88 -4.68 -27.40
CA LYS B 255 -36.04 -3.97 -26.14
C LYS B 255 -35.14 -2.74 -26.04
N TYR B 256 -33.97 -2.77 -26.68
CA TYR B 256 -33.02 -1.67 -26.62
C TYR B 256 -32.38 -1.56 -28.00
N PRO B 257 -32.80 -0.58 -28.81
CA PRO B 257 -32.36 -0.57 -30.22
C PRO B 257 -30.91 -0.16 -30.47
N LYS B 258 -30.30 0.65 -29.60
CA LYS B 258 -28.94 1.14 -29.87
C LYS B 258 -27.89 0.12 -29.39
N ILE B 259 -27.93 -1.07 -30.00
CA ILE B 259 -27.11 -2.16 -29.49
C ILE B 259 -25.61 -1.94 -29.66
N GLU B 260 -25.18 -0.92 -30.40
CA GLU B 260 -23.75 -0.62 -30.44
C GLU B 260 -23.21 -0.30 -29.05
N ASN B 261 -24.03 0.29 -28.17
CA ASN B 261 -23.65 0.54 -26.79
C ASN B 261 -23.39 -0.73 -25.97
N LEU B 262 -23.71 -1.91 -26.50
CA LEU B 262 -23.42 -3.13 -25.77
C LEU B 262 -22.05 -3.69 -26.11
N LEU B 263 -21.39 -3.16 -27.14
CA LEU B 263 -20.08 -3.64 -27.56
C LEU B 263 -19.01 -2.65 -27.12
N ILE B 264 -17.94 -3.17 -26.55
CA ILE B 264 -16.84 -2.34 -26.06
C ILE B 264 -15.53 -3.03 -26.38
N ASP B 265 -14.46 -2.25 -26.42
CA ASP B 265 -13.12 -2.82 -26.34
C ASP B 265 -12.79 -3.10 -24.88
N ARG B 266 -12.71 -4.38 -24.52
CA ARG B 266 -12.31 -4.77 -23.16
C ARG B 266 -10.81 -4.66 -23.01
N TYR B 267 -10.38 -4.20 -21.84
CA TYR B 267 -8.97 -4.15 -21.47
C TYR B 267 -8.72 -5.19 -20.38
N LEU B 268 -7.93 -6.20 -20.72
CA LEU B 268 -7.55 -7.24 -19.77
C LEU B 268 -6.16 -6.87 -19.25
N ILE B 269 -6.07 -6.49 -17.98
CA ILE B 269 -4.86 -5.88 -17.44
C ILE B 269 -4.12 -6.83 -16.52
N GLU B 270 -2.83 -6.56 -16.37
CA GLU B 270 -1.97 -7.29 -15.44
C GLU B 270 -2.20 -6.73 -14.04
N HIS B 271 -3.24 -7.25 -13.39
CA HIS B 271 -3.71 -6.85 -12.07
C HIS B 271 -4.56 -8.00 -11.59
N LYS B 272 -4.62 -8.19 -10.26
CA LYS B 272 -5.48 -9.24 -9.73
C LYS B 272 -6.93 -9.06 -10.16
N VAL B 273 -7.40 -7.83 -10.34
CA VAL B 273 -8.70 -7.59 -10.98
C VAL B 273 -8.40 -7.38 -12.46
N ARG B 274 -8.60 -8.44 -13.23
CA ARG B 274 -8.03 -8.53 -14.57
C ARG B 274 -8.80 -7.68 -15.57
N ASP B 275 -10.07 -7.42 -15.30
CA ASP B 275 -10.87 -6.59 -16.19
C ASP B 275 -10.84 -5.15 -15.71
N ALA B 276 -10.27 -4.26 -16.52
CA ALA B 276 -10.14 -2.86 -16.13
C ALA B 276 -11.49 -2.20 -15.95
N PHE B 277 -12.48 -2.51 -16.82
CA PHE B 277 -13.83 -1.97 -16.61
C PHE B 277 -14.39 -2.39 -15.25
N LEU B 278 -14.12 -3.64 -14.81
CA LEU B 278 -14.65 -4.07 -13.52
C LEU B 278 -13.92 -3.38 -12.35
N LEU B 279 -12.60 -3.24 -12.48
CA LEU B 279 -11.83 -2.55 -11.46
C LEU B 279 -12.26 -1.08 -11.33
N SER B 280 -12.54 -0.43 -12.46
CA SER B 280 -13.08 0.93 -12.44
C SER B 280 -14.41 1.02 -11.70
N GLU B 281 -15.34 0.09 -11.97
CA GLU B 281 -16.62 0.13 -11.25
C GLU B 281 -16.43 -0.16 -9.76
N MET B 282 -15.53 -1.08 -9.44
CA MET B 282 -15.23 -1.40 -8.05
C MET B 282 -14.68 -0.18 -7.32
N LEU B 283 -13.71 0.51 -7.94
CA LEU B 283 -13.14 1.67 -7.28
C LEU B 283 -14.19 2.74 -7.07
N ASN B 284 -15.06 2.93 -8.07
CA ASN B 284 -16.17 3.88 -7.92
C ASN B 284 -17.05 3.52 -6.72
N ALA B 285 -17.50 2.27 -6.65
CA ALA B 285 -18.40 1.87 -5.56
C ALA B 285 -17.73 2.03 -4.20
N VAL B 286 -16.47 1.64 -4.11
CA VAL B 286 -15.74 1.79 -2.85
C VAL B 286 -15.60 3.27 -2.48
N GLY B 287 -15.27 4.12 -3.46
CA GLY B 287 -15.15 5.55 -3.17
C GLY B 287 -16.48 6.20 -2.80
N ARG B 288 -17.58 5.78 -3.44
CA ARG B 288 -18.87 6.34 -3.08
C ARG B 288 -19.28 5.97 -1.65
N ASN B 289 -18.74 4.90 -1.09
CA ASN B 289 -19.07 4.47 0.25
C ASN B 289 -18.07 4.95 1.30
N GLY B 290 -17.12 5.82 0.93
CA GLY B 290 -16.13 6.32 1.88
C GLY B 290 -15.00 5.36 2.22
N LEU B 291 -14.88 4.25 1.51
CA LEU B 291 -13.85 3.26 1.81
C LEU B 291 -12.58 3.60 1.04
N PHE B 292 -12.02 4.79 1.32
CA PHE B 292 -10.91 5.30 0.51
C PHE B 292 -9.68 4.41 0.66
N ALA B 293 -9.32 4.08 1.90
CA ALA B 293 -8.12 3.28 2.13
C ALA B 293 -8.27 1.87 1.57
N VAL B 294 -9.48 1.33 1.59
CA VAL B 294 -9.72 0.06 0.93
C VAL B 294 -9.45 0.20 -0.57
N GLY B 295 -9.88 1.31 -1.16
CA GLY B 295 -9.67 1.53 -2.58
C GLY B 295 -8.19 1.57 -2.96
N ILE B 296 -7.36 2.24 -2.15
CA ILE B 296 -5.91 2.17 -2.34
C ILE B 296 -5.42 0.73 -2.19
N GLY B 297 -5.95 0.01 -1.19
CA GLY B 297 -5.52 -1.38 -1.02
C GLY B 297 -5.83 -2.23 -2.24
N ILE B 298 -6.97 -1.97 -2.89
CA ILE B 298 -7.32 -2.69 -4.11
C ILE B 298 -6.31 -2.40 -5.22
N CYS B 299 -5.96 -1.11 -5.38
CA CYS B 299 -4.93 -0.77 -6.37
C CYS B 299 -3.64 -1.49 -6.08
N LEU B 300 -3.31 -1.67 -4.78
CA LEU B 300 -2.08 -2.38 -4.43
C LEU B 300 -2.25 -3.88 -4.43
N GLU B 301 -3.39 -4.40 -4.92
CA GLU B 301 -3.65 -5.82 -5.09
C GLU B 301 -3.73 -6.60 -3.76
N ASP B 302 -4.20 -5.99 -2.67
CA ASP B 302 -4.46 -6.76 -1.45
C ASP B 302 -5.72 -7.60 -1.58
N ASP B 303 -5.58 -8.90 -1.26
CA ASP B 303 -6.66 -9.87 -1.43
C ASP B 303 -7.92 -9.46 -0.67
N GLU B 304 -7.77 -9.02 0.57
CA GLU B 304 -8.92 -8.73 1.42
C GLU B 304 -9.61 -7.42 1.00
N CYS B 305 -8.84 -6.41 0.60
CA CYS B 305 -9.47 -5.21 0.05
C CYS B 305 -10.25 -5.53 -1.23
N ILE B 306 -9.73 -6.45 -2.06
CA ILE B 306 -10.42 -6.86 -3.28
C ILE B 306 -11.71 -7.59 -2.92
N LYS B 307 -11.67 -8.43 -1.88
CA LYS B 307 -12.88 -9.11 -1.45
C LYS B 307 -13.90 -8.11 -0.91
N ILE B 308 -13.45 -7.12 -0.15
CA ILE B 308 -14.35 -6.05 0.28
C ILE B 308 -14.90 -5.30 -0.92
N GLY B 309 -14.02 -4.96 -1.88
CA GLY B 309 -14.46 -4.25 -3.07
C GLY B 309 -15.52 -4.99 -3.86
N ASN B 310 -15.36 -6.31 -4.01
CA ASN B 310 -16.37 -7.09 -4.73
C ASN B 310 -17.71 -7.04 -4.01
N GLN B 311 -17.71 -7.26 -2.69
CA GLN B 311 -18.96 -7.19 -1.94
C GLN B 311 -19.61 -5.82 -2.02
N ILE B 312 -18.81 -4.76 -1.89
CA ILE B 312 -19.37 -3.40 -1.94
C ILE B 312 -19.87 -3.07 -3.35
N LEU B 313 -19.19 -3.55 -4.38
CA LEU B 313 -19.63 -3.23 -5.72
C LEU B 313 -21.04 -3.75 -5.96
N TRP B 314 -21.27 -5.02 -5.62
CA TRP B 314 -22.57 -5.61 -5.92
C TRP B 314 -23.69 -5.07 -5.03
N GLU B 315 -23.39 -4.64 -3.79
CA GLU B 315 -24.39 -3.90 -3.01
C GLU B 315 -24.69 -2.56 -3.66
N TYR B 316 -23.65 -1.87 -4.13
CA TYR B 316 -23.84 -0.61 -4.81
C TYR B 316 -24.69 -0.78 -6.08
N LYS B 317 -24.43 -1.85 -6.84
CA LYS B 317 -25.16 -2.03 -8.10
C LYS B 317 -26.63 -2.39 -7.85
N LYS B 318 -26.89 -3.24 -6.84
CA LYS B 318 -28.27 -3.58 -6.53
C LYS B 318 -29.04 -2.35 -6.06
N ASN B 319 -28.41 -1.55 -5.20
CA ASN B 319 -29.08 -0.36 -4.69
C ASN B 319 -29.32 0.67 -5.79
N LEU B 320 -28.42 0.76 -6.76
CA LEU B 320 -28.60 1.69 -7.86
C LEU B 320 -29.79 1.28 -8.73
N ILE B 321 -29.91 -0.02 -9.06
CA ILE B 321 -31.07 -0.49 -9.78
C ILE B 321 -32.36 -0.16 -9.01
N ASN B 322 -32.34 -0.37 -7.68
CA ASN B 322 -33.53 -0.05 -6.88
C ASN B 322 -33.87 1.43 -6.97
N GLU B 323 -32.85 2.30 -6.86
CA GLU B 323 -33.08 3.73 -7.01
C GLU B 323 -33.63 4.07 -8.40
N LEU B 324 -33.05 3.47 -9.45
CA LEU B 324 -33.54 3.72 -10.80
C LEU B 324 -35.01 3.35 -10.93
N LYS B 325 -35.43 2.22 -10.35
CA LYS B 325 -36.81 1.79 -10.49
C LYS B 325 -37.78 2.67 -9.72
N SER B 326 -37.30 3.44 -8.73
CA SER B 326 -38.17 4.33 -7.99
C SER B 326 -38.31 5.71 -8.63
N VAL B 327 -37.62 5.98 -9.74
CA VAL B 327 -37.73 7.28 -10.39
C VAL B 327 -39.10 7.42 -11.03
N LYS B 328 -39.80 8.51 -10.70
CA LYS B 328 -41.07 8.84 -11.36
C LYS B 328 -40.76 9.76 -12.54
N LEU B 329 -40.56 9.16 -13.71
CA LEU B 329 -40.06 9.93 -14.85
C LEU B 329 -41.21 10.65 -15.54
N LYS B 330 -41.11 11.97 -15.62
CA LYS B 330 -42.14 12.81 -16.22
C LYS B 330 -41.64 13.41 -17.53
N LYS B 331 -42.57 13.57 -18.46
CA LYS B 331 -42.24 13.87 -19.85
C LYS B 331 -42.79 15.24 -20.23
N LEU B 332 -41.93 16.12 -20.73
CA LEU B 332 -42.38 17.30 -21.45
C LEU B 332 -42.41 16.98 -22.94
N ASN B 333 -42.17 17.98 -23.80
CA ASN B 333 -42.21 17.70 -25.24
C ASN B 333 -40.89 17.19 -25.79
N ASN B 334 -39.77 17.75 -25.31
CA ASN B 334 -38.45 17.40 -25.82
C ASN B 334 -37.50 16.84 -24.75
N ILE B 335 -37.92 16.79 -23.48
CA ILE B 335 -37.07 16.30 -22.39
C ILE B 335 -37.90 15.41 -21.46
N TYR B 336 -37.20 14.65 -20.63
CA TYR B 336 -37.77 14.05 -19.42
C TYR B 336 -37.18 14.77 -18.21
N TYR B 337 -37.91 14.70 -17.09
CA TYR B 337 -37.38 15.23 -15.85
C TYR B 337 -37.91 14.40 -14.68
N PHE B 338 -37.30 14.60 -13.50
CA PHE B 338 -37.70 13.88 -12.30
C PHE B 338 -37.17 14.63 -11.09
N GLU B 339 -37.90 14.53 -9.98
CA GLU B 339 -37.36 14.91 -8.68
C GLU B 339 -36.79 13.67 -7.99
N GLY B 340 -35.57 13.78 -7.49
CA GLY B 340 -34.91 12.71 -6.76
C GLY B 340 -34.12 13.17 -5.54
N LYS B 341 -33.11 12.39 -5.13
CA LYS B 341 -32.36 12.62 -3.89
C LYS B 341 -31.03 13.30 -4.17
N LYS B 342 -30.61 14.15 -3.22
CA LYS B 342 -29.45 15.03 -3.41
C LYS B 342 -28.22 14.29 -3.94
N GLY B 343 -28.02 13.04 -3.51
CA GLY B 343 -26.76 12.38 -3.77
C GLY B 343 -26.56 11.90 -5.20
N MET B 344 -27.65 11.51 -5.89
CA MET B 344 -27.50 10.74 -7.12
C MET B 344 -28.24 11.35 -8.32
N ILE B 345 -28.61 12.63 -8.26
CA ILE B 345 -29.41 13.20 -9.34
C ILE B 345 -28.70 13.04 -10.68
N GLY B 346 -27.46 13.56 -10.76
CA GLY B 346 -26.72 13.52 -12.01
C GLY B 346 -26.34 12.11 -12.42
N ILE B 347 -25.98 11.27 -11.46
CA ILE B 347 -25.75 9.85 -11.76
C ILE B 347 -27.00 9.24 -12.39
N ILE B 348 -28.16 9.48 -11.77
CA ILE B 348 -29.40 8.87 -12.26
C ILE B 348 -29.77 9.44 -13.63
N ALA B 349 -29.64 10.76 -13.82
CA ALA B 349 -30.01 11.37 -15.09
C ALA B 349 -29.18 10.83 -16.25
N SER B 350 -27.86 10.71 -16.06
CA SER B 350 -27.01 10.18 -17.14
C SER B 350 -27.38 8.75 -17.49
N ILE B 351 -27.68 7.92 -16.49
CA ILE B 351 -28.08 6.54 -16.76
C ILE B 351 -29.40 6.48 -17.52
N LEU B 352 -30.33 7.40 -17.20
CA LEU B 352 -31.66 7.36 -17.80
C LEU B 352 -31.71 7.86 -19.24
N VAL B 353 -30.70 8.63 -19.68
CA VAL B 353 -30.73 9.21 -21.03
C VAL B 353 -30.86 8.12 -22.08
N ASP B 354 -31.87 8.25 -22.93
CA ASP B 354 -32.05 7.31 -24.03
C ASP B 354 -32.10 8.09 -25.33
N ASP B 355 -33.24 8.71 -25.61
CA ASP B 355 -33.47 9.46 -26.84
C ASP B 355 -33.57 10.96 -26.64
N LYS B 356 -33.93 11.42 -25.44
CA LYS B 356 -34.07 12.84 -25.11
C LYS B 356 -33.23 13.16 -23.89
N PRO B 357 -32.87 14.44 -23.70
CA PRO B 357 -32.17 14.83 -22.46
C PRO B 357 -33.03 14.55 -21.24
N VAL B 358 -32.37 14.31 -20.11
CA VAL B 358 -33.01 14.02 -18.85
C VAL B 358 -32.50 15.05 -17.86
N ILE B 359 -33.42 15.67 -17.12
CA ILE B 359 -33.05 16.65 -16.11
C ILE B 359 -33.62 16.18 -14.77
N GLY B 360 -32.74 15.94 -13.81
CA GLY B 360 -33.17 15.65 -12.45
C GLY B 360 -32.98 16.88 -11.56
N TYR B 361 -33.78 16.95 -10.50
CA TYR B 361 -33.60 18.01 -9.52
C TYR B 361 -33.98 17.51 -8.14
N HIS B 362 -33.39 18.14 -7.12
CA HIS B 362 -33.81 17.97 -5.73
C HIS B 362 -34.01 19.34 -5.09
N ILE B 363 -34.93 19.40 -4.12
CA ILE B 363 -35.21 20.61 -3.37
C ILE B 363 -34.33 20.60 -2.12
N GLU B 364 -33.67 21.73 -1.85
CA GLU B 364 -32.78 21.84 -0.70
C GLU B 364 -33.38 22.86 0.24
N GLY B 365 -32.90 24.11 0.25
CA GLY B 365 -33.55 25.13 1.05
C GLY B 365 -34.86 25.51 0.40
N ASP B 366 -34.89 26.67 -0.21
CA ASP B 366 -35.94 27.02 -1.16
C ASP B 366 -35.40 26.99 -2.59
N ILE B 367 -34.43 26.11 -2.85
CA ILE B 367 -33.50 26.35 -3.94
C ILE B 367 -33.81 25.55 -5.20
N ALA B 368 -33.89 24.22 -5.11
CA ALA B 368 -34.04 23.34 -6.28
C ALA B 368 -32.81 23.35 -7.20
N LYS B 369 -32.05 22.25 -7.22
CA LYS B 369 -30.80 22.13 -7.97
C LYS B 369 -30.97 21.06 -9.06
N PHE B 370 -30.69 21.44 -10.31
CA PHE B 370 -30.96 20.63 -11.49
C PHE B 370 -29.68 20.02 -12.07
N SER B 371 -29.78 18.77 -12.54
CA SER B 371 -28.68 18.15 -13.29
C SER B 371 -29.22 17.65 -14.63
N ALA B 372 -28.63 18.13 -15.73
CA ALA B 372 -29.13 17.89 -17.07
C ALA B 372 -28.12 17.05 -17.85
N ARG B 373 -28.61 16.03 -18.55
CA ARG B 373 -27.73 15.10 -19.25
C ARG B 373 -28.27 14.77 -20.62
N GLY B 374 -27.36 14.73 -21.60
CA GLY B 374 -27.67 14.29 -22.96
C GLY B 374 -26.76 13.15 -23.38
N ASN B 375 -26.61 12.91 -24.68
CA ASN B 375 -25.63 11.95 -25.20
C ASN B 375 -25.01 12.51 -26.47
N ARG B 376 -24.18 11.68 -27.13
CA ARG B 376 -23.38 12.12 -28.28
C ARG B 376 -24.28 12.36 -29.50
N ASP B 377 -25.20 11.42 -29.77
CA ASP B 377 -26.14 11.61 -30.87
C ASP B 377 -27.01 12.86 -30.65
N LEU B 378 -27.38 13.13 -29.39
CA LEU B 378 -28.12 14.35 -29.07
C LEU B 378 -27.30 15.60 -29.42
N VAL B 379 -26.01 15.60 -29.06
CA VAL B 379 -25.16 16.74 -29.38
C VAL B 379 -24.97 16.90 -30.89
N ASN B 380 -24.73 15.78 -31.60
CA ASN B 380 -24.60 15.82 -33.06
C ASN B 380 -25.82 16.44 -33.73
N ARG B 381 -27.01 16.23 -33.17
CA ARG B 381 -28.24 16.81 -33.69
C ARG B 381 -28.45 18.25 -33.22
N GLY B 382 -27.51 18.81 -32.44
CA GLY B 382 -27.57 20.20 -32.04
C GLY B 382 -27.89 20.51 -30.59
N LEU B 383 -27.92 19.52 -29.70
CA LEU B 383 -28.12 19.79 -28.28
C LEU B 383 -26.93 20.54 -27.69
N ASN B 384 -27.22 21.57 -26.90
CA ASN B 384 -26.22 22.16 -26.03
C ASN B 384 -26.88 22.50 -24.70
N LEU B 385 -26.52 21.76 -23.66
CA LEU B 385 -27.22 21.89 -22.39
C LEU B 385 -26.81 23.15 -21.62
N SER B 386 -25.57 23.63 -21.79
CA SER B 386 -25.14 24.83 -21.08
C SER B 386 -25.87 26.07 -21.56
N VAL B 387 -26.20 26.14 -22.85
CA VAL B 387 -27.02 27.24 -23.34
C VAL B 387 -28.43 27.15 -22.76
N ALA B 388 -29.00 25.94 -22.73
CA ALA B 388 -30.37 25.77 -22.24
C ALA B 388 -30.45 25.93 -20.73
N MET B 389 -29.44 25.48 -20.01
CA MET B 389 -29.46 25.66 -18.56
C MET B 389 -29.13 27.09 -18.15
N ALA B 390 -28.44 27.85 -19.02
CA ALA B 390 -28.15 29.24 -18.70
C ALA B 390 -29.43 30.05 -18.52
N VAL B 391 -30.54 29.62 -19.12
CA VAL B 391 -31.81 30.36 -19.05
C VAL B 391 -32.27 30.45 -17.60
N ALA B 392 -31.53 29.82 -16.69
CA ALA B 392 -31.83 29.92 -15.27
C ALA B 392 -31.81 31.37 -14.79
N LYS B 393 -30.89 32.18 -15.32
CA LYS B 393 -30.83 33.61 -14.98
C LYS B 393 -31.88 34.38 -15.79
N GLU B 394 -33.12 34.02 -15.55
CA GLU B 394 -34.29 34.54 -16.25
C GLU B 394 -35.43 34.31 -15.27
N PHE B 395 -35.18 33.36 -14.36
CA PHE B 395 -36.05 33.01 -13.25
C PHE B 395 -35.35 33.27 -11.92
N GLY B 396 -34.48 34.28 -11.88
CA GLY B 396 -33.71 34.59 -10.69
C GLY B 396 -32.74 33.50 -10.26
N GLY B 397 -32.13 32.82 -11.22
CA GLY B 397 -31.18 31.78 -10.89
C GLY B 397 -29.90 31.84 -11.71
N ASN B 398 -29.23 30.70 -11.84
CA ASN B 398 -27.93 30.59 -12.50
C ASN B 398 -27.77 29.19 -13.05
N GLY B 399 -27.13 29.08 -14.22
CA GLY B 399 -26.99 27.78 -14.86
C GLY B 399 -25.99 27.73 -16.00
N GLY B 400 -25.42 26.55 -16.25
CA GLY B 400 -24.41 26.39 -17.28
C GLY B 400 -23.67 25.07 -17.12
N GLY B 401 -22.65 24.89 -17.96
CA GLY B 401 -21.88 23.65 -17.96
C GLY B 401 -21.36 23.26 -19.33
N HIS B 402 -21.53 21.99 -19.72
CA HIS B 402 -21.09 21.46 -21.01
C HIS B 402 -22.28 21.10 -21.89
N ASP B 403 -22.00 20.94 -23.19
CA ASP B 403 -23.07 20.68 -24.16
C ASP B 403 -23.82 19.39 -23.83
N VAL B 404 -23.14 18.41 -23.23
CA VAL B 404 -23.74 17.11 -22.95
C VAL B 404 -24.09 16.96 -21.47
N ALA B 405 -23.67 17.89 -20.61
CA ALA B 405 -23.91 17.79 -19.17
C ALA B 405 -23.80 19.17 -18.54
N SER B 406 -24.86 19.62 -17.87
CA SER B 406 -24.93 20.95 -17.26
C SER B 406 -25.75 20.90 -15.97
N GLY B 407 -25.63 21.95 -15.17
CA GLY B 407 -26.47 22.12 -13.99
C GLY B 407 -27.11 23.50 -13.97
N ALA B 408 -27.91 23.72 -12.94
CA ALA B 408 -28.55 25.01 -12.73
C ALA B 408 -29.16 25.04 -11.33
N VAL B 409 -29.41 26.27 -10.86
CA VAL B 409 -30.11 26.51 -9.61
C VAL B 409 -31.19 27.56 -9.89
N VAL B 410 -32.40 27.33 -9.36
CA VAL B 410 -33.55 28.20 -9.62
C VAL B 410 -34.58 28.02 -8.51
N SER B 411 -34.97 29.11 -7.84
CA SER B 411 -35.91 29.15 -6.73
C SER B 411 -37.04 28.12 -6.80
N LYS B 412 -37.38 27.53 -5.65
CA LYS B 412 -38.20 26.31 -5.63
C LYS B 412 -39.55 26.50 -6.30
N ASP B 413 -40.09 27.72 -6.32
CA ASP B 413 -41.42 27.95 -6.88
C ASP B 413 -41.40 28.17 -8.39
N LYS B 414 -40.23 28.25 -9.02
CA LYS B 414 -40.12 28.44 -10.45
C LYS B 414 -39.83 27.14 -11.20
N VAL B 415 -39.89 26.00 -10.50
CA VAL B 415 -39.48 24.73 -11.09
C VAL B 415 -40.24 24.47 -12.39
N GLN B 416 -41.57 24.53 -12.33
CA GLN B 416 -42.35 24.21 -13.53
C GLN B 416 -42.06 25.18 -14.67
N GLU B 417 -41.87 26.46 -14.34
CA GLU B 417 -41.70 27.50 -15.35
C GLU B 417 -40.29 27.45 -15.96
N PHE B 418 -39.29 27.14 -15.13
CA PHE B 418 -37.94 26.94 -15.64
C PHE B 418 -37.86 25.76 -16.60
N LEU B 419 -38.52 24.64 -16.24
CA LEU B 419 -38.45 23.45 -17.08
C LEU B 419 -39.19 23.66 -18.40
N LYS B 420 -40.32 24.39 -18.37
CA LYS B 420 -41.02 24.69 -19.63
C LYS B 420 -40.13 25.51 -20.55
N ARG B 421 -39.40 26.47 -19.99
CA ARG B 421 -38.49 27.27 -20.79
C ARG B 421 -37.35 26.41 -21.35
N VAL B 422 -36.74 25.58 -20.50
CA VAL B 422 -35.66 24.70 -20.95
C VAL B 422 -36.16 23.77 -22.04
N ASP B 423 -37.36 23.21 -21.86
CA ASP B 423 -37.95 22.32 -22.84
C ASP B 423 -38.08 22.98 -24.20
N GLU B 424 -38.48 24.26 -24.22
CA GLU B 424 -38.69 24.93 -25.48
C GLU B 424 -37.36 25.27 -26.16
N ILE B 425 -36.35 25.66 -25.37
CA ILE B 425 -35.03 25.94 -25.92
C ILE B 425 -34.46 24.69 -26.60
N ILE B 426 -34.45 23.56 -25.86
CA ILE B 426 -33.96 22.31 -26.43
C ILE B 426 -34.75 21.92 -27.68
N GLY B 427 -36.07 22.10 -27.65
CA GLY B 427 -36.87 21.79 -28.83
C GLY B 427 -36.33 22.48 -30.08
N GLU B 428 -35.98 23.76 -29.94
CA GLU B 428 -35.45 24.55 -31.05
C GLU B 428 -34.02 24.17 -31.42
N GLN B 429 -33.18 23.82 -30.43
CA GLN B 429 -31.83 23.37 -30.74
C GLN B 429 -31.83 22.15 -31.65
N LEU B 430 -32.88 21.34 -31.60
CA LEU B 430 -32.91 20.08 -32.31
C LEU B 430 -33.67 20.10 -33.64
N ARG B 431 -34.33 21.20 -34.02
CA ARG B 431 -35.09 21.20 -35.29
C ARG B 431 -34.16 21.10 -36.49
MN MN C . 12.29 -7.83 17.78
MN MN D . -10.25 13.14 -13.56
#